data_1G9X
#
_entry.id   1G9X
#
_cell.length_a   117.310
_cell.length_b   117.310
_cell.length_c   42.190
_cell.angle_alpha   90.00
_cell.angle_beta   90.00
_cell.angle_gamma   120.00
#
_symmetry.space_group_name_H-M   'P 31'
#
loop_
_entity.id
_entity.type
_entity.pdbx_description
1 polymer 'HIGH-AFFINITY BRANCHED-CHAIN AMINO ACID TRANSPORT ATP-BINDING PROTEIN'
2 non-polymer 'MAGNESIUM ION'
3 non-polymer 'METHYL MERCURY ION'
4 non-polymer "ADENOSINE-5'-DIPHOSPHATE"
5 water water
#
_entity_poly.entity_id   1
_entity_poly.type   'polypeptide(L)'
_entity_poly.pdbx_seq_one_letter_code
;MRDTMEILRTENIVKYFGEFKALDGVSISVCKGDVTLIIGPNGSGKSTLINVITGFLKADEGRVYFENKDITNKEPAELY
HYGIVRTFQTPQPLKEMTVLENLLIGEINPGESPLNSLFYKKWIPKEEEMVEKAFKILEFLKLSHLYDRKAGELSGGQMK
LVEIGRALMTNPKMIVMDEPIAGVAPGLAHDIFNHVLELKAKGITFLIIEHRLDIVLNYIDHLYVMFNGQIIAEGRGEEE
IKNVLSDPKVVEIYIGE
;
_entity_poly.pdbx_strand_id   A,B,C
#
loop_
_chem_comp.id
_chem_comp.type
_chem_comp.name
_chem_comp.formula
ADP non-polymer ADENOSINE-5'-DIPHOSPHATE 'C10 H15 N5 O10 P2'
MG non-polymer 'MAGNESIUM ION' 'Mg 2'
MMC non-polymer 'METHYL MERCURY ION' 'C H3 Hg 1'
#
# COMPACT_ATOMS: atom_id res chain seq x y z
N THR A 4 -1.16 18.07 5.79
CA THR A 4 -0.28 16.89 6.08
C THR A 4 0.79 16.76 4.99
N MET A 5 0.51 17.37 3.83
CA MET A 5 1.37 17.40 2.64
C MET A 5 2.78 16.86 2.73
N GLU A 6 3.24 16.29 1.63
CA GLU A 6 4.57 15.73 1.53
C GLU A 6 5.54 16.82 1.10
N ILE A 7 6.80 16.71 1.50
CA ILE A 7 7.79 17.71 1.13
C ILE A 7 8.93 17.14 0.30
N LEU A 8 9.25 15.86 0.53
CA LEU A 8 10.33 15.19 -0.20
C LEU A 8 9.94 13.74 -0.47
N ARG A 9 10.02 13.33 -1.73
CA ARG A 9 9.68 11.98 -2.10
C ARG A 9 10.61 11.51 -3.18
N THR A 10 11.11 10.30 -3.01
CA THR A 10 11.99 9.72 -3.99
C THR A 10 11.16 8.74 -4.83
N GLU A 11 11.64 8.44 -6.03
CA GLU A 11 10.94 7.51 -6.91
C GLU A 11 11.88 6.40 -7.36
N ASN A 12 12.00 5.38 -6.52
CA ASN A 12 12.84 4.21 -6.80
C ASN A 12 14.32 4.49 -7.06
N ILE A 13 15.01 4.95 -6.02
CA ILE A 13 16.44 5.28 -6.07
C ILE A 13 17.33 4.05 -6.05
N VAL A 14 18.16 3.93 -7.09
CA VAL A 14 19.08 2.82 -7.26
C VAL A 14 20.52 3.32 -7.19
N LYS A 15 21.45 2.43 -6.83
CA LYS A 15 22.86 2.77 -6.72
C LYS A 15 23.76 1.54 -6.90
N TYR A 16 25.01 1.79 -7.35
CA TYR A 16 26.02 0.75 -7.57
C TYR A 16 27.41 1.20 -7.15
N PHE A 17 28.19 0.24 -6.68
CA PHE A 17 29.55 0.45 -6.22
C PHE A 17 30.38 -0.70 -6.79
N GLY A 18 30.65 -0.58 -8.09
CA GLY A 18 31.40 -1.60 -8.79
C GLY A 18 30.33 -2.51 -9.36
N GLU A 19 30.16 -3.67 -8.74
CA GLU A 19 29.16 -4.65 -9.17
C GLU A 19 28.02 -4.69 -8.16
N PHE A 20 28.33 -4.31 -6.91
CA PHE A 20 27.37 -4.29 -5.81
C PHE A 20 26.34 -3.17 -5.89
N LYS A 21 25.08 -3.58 -6.07
CA LYS A 21 23.91 -2.69 -6.16
C LYS A 21 23.55 -2.23 -4.74
N ALA A 22 24.14 -1.13 -4.28
CA ALA A 22 23.91 -0.65 -2.92
C ALA A 22 22.52 -0.14 -2.57
N LEU A 23 21.68 0.05 -3.58
CA LEU A 23 20.30 0.52 -3.38
C LEU A 23 19.46 -0.04 -4.51
N ASP A 24 18.34 -0.69 -4.17
CA ASP A 24 17.48 -1.27 -5.19
C ASP A 24 16.14 -0.56 -5.24
N GLY A 25 16.14 0.64 -5.82
CA GLY A 25 14.92 1.42 -5.95
C GLY A 25 14.27 1.78 -4.63
N VAL A 26 14.88 2.71 -3.90
CA VAL A 26 14.37 3.17 -2.61
C VAL A 26 13.38 4.32 -2.78
N SER A 27 12.13 4.09 -2.40
CA SER A 27 11.09 5.12 -2.48
C SER A 27 10.59 5.50 -1.07
N ILE A 28 10.77 6.78 -0.71
CA ILE A 28 10.35 7.30 0.60
C ILE A 28 9.20 8.29 0.55
N SER A 29 8.90 8.86 1.72
CA SER A 29 7.83 9.84 1.89
C SER A 29 8.16 10.80 3.03
N VAL A 30 9.22 11.61 2.86
CA VAL A 30 9.60 12.58 3.88
C VAL A 30 8.63 13.76 3.80
N CYS A 31 8.20 14.26 4.94
CA CYS A 31 7.26 15.37 4.98
C CYS A 31 7.36 16.07 6.31
N LYS A 32 5.13 17.94 5.71
CA LYS A 32 6.04 18.98 6.19
C LYS A 32 6.15 18.93 7.70
N GLY A 33 7.33 19.28 8.22
CA GLY A 33 7.54 19.28 9.67
C GLY A 33 7.76 17.95 10.37
N ASP A 34 7.80 16.85 9.61
CA ASP A 34 8.02 15.53 10.19
C ASP A 34 9.47 15.29 10.60
N VAL A 35 9.66 14.32 11.48
CA VAL A 35 10.99 13.93 11.97
C VAL A 35 11.25 12.50 11.48
N THR A 36 11.43 12.35 10.17
CA THR A 36 11.66 11.06 9.52
C THR A 36 13.02 10.42 9.83
N LEU A 37 12.98 9.23 10.42
CA LEU A 37 14.22 8.52 10.76
C LEU A 37 14.40 7.19 10.02
N ILE A 38 15.53 7.07 9.34
CA ILE A 38 15.83 5.85 8.61
C ILE A 38 16.92 5.10 9.41
N ILE A 39 16.59 3.87 9.76
CA ILE A 39 17.51 3.04 10.50
C ILE A 39 17.66 1.67 9.84
N GLY A 40 18.82 1.05 10.07
CA GLY A 40 19.10 -0.25 9.51
C GLY A 40 20.54 -0.62 9.89
N PRO A 41 20.91 -1.92 9.90
CA PRO A 41 22.29 -2.25 10.26
C PRO A 41 23.25 -1.63 9.25
N ASN A 42 24.55 -1.64 9.53
CA ASN A 42 25.52 -1.07 8.59
C ASN A 42 25.50 -1.92 7.32
N GLY A 43 25.73 -1.28 6.18
CA GLY A 43 25.75 -2.02 4.92
C GLY A 43 24.48 -1.92 4.11
N SER A 44 23.34 -1.69 4.75
CA SER A 44 22.07 -1.58 4.04
C SER A 44 21.96 -0.33 3.14
N GLY A 45 22.97 0.53 3.18
CA GLY A 45 22.98 1.71 2.32
C GLY A 45 22.27 2.93 2.83
N LYS A 46 22.34 3.16 4.13
CA LYS A 46 21.71 4.32 4.75
C LYS A 46 22.40 5.65 4.45
N SER A 47 23.72 5.63 4.36
CA SER A 47 24.49 6.85 4.10
C SER A 47 24.66 7.07 2.61
N THR A 48 24.16 6.12 1.82
CA THR A 48 24.21 6.19 0.37
C THR A 48 22.94 6.84 -0.12
N LEU A 49 21.80 6.45 0.46
CA LEU A 49 20.52 7.05 0.09
C LEU A 49 20.63 8.56 0.34
N ILE A 50 21.39 8.91 1.37
CA ILE A 50 21.60 10.29 1.77
C ILE A 50 22.48 11.08 0.80
N ASN A 51 23.65 10.53 0.46
CA ASN A 51 24.56 11.19 -0.47
C ASN A 51 23.83 11.42 -1.79
N VAL A 52 22.86 10.55 -2.05
CA VAL A 52 22.06 10.62 -3.26
C VAL A 52 21.03 11.74 -3.14
N ILE A 53 20.29 11.75 -2.03
CA ILE A 53 19.26 12.75 -1.78
C ILE A 53 19.85 14.16 -1.67
N THR A 54 21.11 14.20 -1.27
CA THR A 54 21.83 15.46 -1.11
C THR A 54 22.63 15.83 -2.38
N GLY A 55 22.70 14.88 -3.31
CA GLY A 55 23.40 15.10 -4.56
C GLY A 55 24.87 14.67 -4.58
N PHE A 56 25.40 14.31 -3.41
CA PHE A 56 26.79 13.88 -3.31
C PHE A 56 27.09 12.68 -4.17
N LEU A 57 26.22 11.67 -4.12
CA LEU A 57 26.37 10.47 -4.95
C LEU A 57 25.17 10.41 -5.89
N LYS A 58 25.44 10.25 -7.17
CA LYS A 58 24.43 10.22 -8.21
C LYS A 58 23.50 9.00 -8.20
N ALA A 59 22.24 9.26 -8.54
CA ALA A 59 21.23 8.23 -8.61
C ALA A 59 21.38 7.49 -9.92
N ASP A 60 21.72 6.19 -9.86
CA ASP A 60 21.89 5.37 -11.06
C ASP A 60 20.60 5.29 -11.87
N GLU A 61 19.48 5.38 -11.19
CA GLU A 61 18.17 5.36 -11.84
C GLU A 61 17.08 5.63 -10.80
N GLY A 62 16.43 6.78 -10.93
CA GLY A 62 15.38 7.12 -9.99
C GLY A 62 15.23 8.62 -9.87
N ARG A 63 14.34 9.06 -8.98
CA ARG A 63 14.06 10.49 -8.79
C ARG A 63 13.96 10.93 -7.34
N VAL A 64 13.96 12.26 -7.15
CA VAL A 64 13.86 12.87 -5.83
C VAL A 64 13.11 14.19 -6.01
N TYR A 65 11.99 14.35 -5.32
CA TYR A 65 11.18 15.56 -5.41
C TYR A 65 11.06 16.34 -4.12
N PHE A 66 11.24 17.65 -4.20
CA PHE A 66 11.13 18.53 -3.04
C PHE A 66 10.18 19.65 -3.41
N GLU A 67 9.03 19.67 -2.74
CA GLU A 67 7.97 20.67 -3.00
C GLU A 67 7.40 20.36 -4.40
N ASN A 68 7.40 19.07 -4.76
CA ASN A 68 6.93 18.59 -6.06
C ASN A 68 7.78 19.22 -7.20
N LYS A 69 9.07 18.89 -7.20
CA LYS A 69 10.05 19.37 -8.19
C LYS A 69 11.10 18.30 -8.37
N ASP A 70 11.67 18.20 -9.56
CA ASP A 70 12.70 17.20 -9.83
C ASP A 70 14.07 17.76 -9.49
N ILE A 71 14.58 17.37 -8.32
CA ILE A 71 15.89 17.83 -7.88
C ILE A 71 16.91 16.70 -8.03
N THR A 72 16.51 15.65 -8.74
CA THR A 72 17.37 14.50 -8.95
C THR A 72 18.70 14.90 -9.61
N ASN A 73 19.80 14.52 -8.94
CA ASN A 73 21.17 14.79 -9.40
C ASN A 73 21.66 16.22 -9.27
N LYS A 74 20.85 17.09 -8.66
CA LYS A 74 21.27 18.47 -8.47
C LYS A 74 22.41 18.56 -7.48
N GLU A 75 23.29 19.53 -7.71
CA GLU A 75 24.45 19.72 -6.85
C GLU A 75 24.04 20.18 -5.46
N PRO A 76 24.79 19.75 -4.44
CA PRO A 76 24.48 20.14 -3.06
C PRO A 76 24.39 21.66 -2.94
N ALA A 77 25.19 22.35 -3.74
CA ALA A 77 25.24 23.81 -3.76
C ALA A 77 23.99 24.36 -4.45
N GLU A 78 23.33 23.52 -5.25
CA GLU A 78 22.10 23.88 -5.94
C GLU A 78 20.94 23.70 -4.96
N LEU A 79 20.92 22.56 -4.28
CA LEU A 79 19.88 22.22 -3.31
C LEU A 79 19.75 23.22 -2.16
N TYR A 80 20.83 23.95 -1.88
CA TYR A 80 20.83 24.96 -0.83
C TYR A 80 19.65 25.92 -1.03
N HIS A 81 19.41 26.31 -2.27
CA HIS A 81 18.35 27.24 -2.60
C HIS A 81 16.95 26.64 -2.65
N TYR A 82 16.86 25.33 -2.60
CA TYR A 82 15.57 24.64 -2.59
C TYR A 82 15.13 24.49 -1.15
N GLY A 83 16.09 24.17 -0.28
CA GLY A 83 15.79 24.02 1.14
C GLY A 83 16.49 22.86 1.82
N ILE A 84 17.43 22.23 1.10
CA ILE A 84 18.17 21.08 1.62
C ILE A 84 19.55 21.43 2.20
N VAL A 85 19.87 20.83 3.35
CA VAL A 85 21.15 21.02 4.02
C VAL A 85 21.48 19.77 4.89
N ARG A 86 22.77 19.45 5.01
CA ARG A 86 23.25 18.27 5.74
C ARG A 86 24.29 18.56 6.84
N THR A 87 24.26 17.77 7.91
CA THR A 87 25.20 17.92 9.03
C THR A 87 26.49 17.15 8.79
N PHE A 88 27.56 17.91 8.60
CA PHE A 88 28.87 17.33 8.34
C PHE A 88 29.74 17.33 9.59
N GLN A 89 30.48 16.23 9.78
CA GLN A 89 31.38 16.12 10.91
C GLN A 89 32.46 17.18 10.72
N THR A 90 32.82 17.87 11.80
CA THR A 90 33.80 18.94 11.74
C THR A 90 35.21 18.42 11.42
N PRO A 91 35.80 18.91 10.32
CA PRO A 91 37.15 18.51 9.88
C PRO A 91 38.23 18.90 10.88
N GLN A 92 39.43 18.36 10.70
CA GLN A 92 40.54 18.65 11.60
C GLN A 92 41.11 20.07 11.54
N PRO A 93 41.24 20.64 10.33
CA PRO A 93 41.76 22.02 10.30
C PRO A 93 40.70 23.01 10.79
N LEU A 94 39.46 22.52 10.86
CA LEU A 94 38.30 23.30 11.30
C LEU A 94 38.21 23.35 12.82
N LYS A 95 38.64 22.27 13.46
CA LYS A 95 38.61 22.18 14.92
C LYS A 95 39.68 23.07 15.55
N GLU A 96 40.35 23.82 14.68
CA GLU A 96 41.40 24.75 15.07
C GLU A 96 40.95 26.20 14.94
N MET A 97 39.63 26.40 15.08
CA MET A 97 38.99 27.70 15.01
C MET A 97 37.83 27.67 15.99
N THR A 98 37.44 28.83 16.51
CA THR A 98 36.36 28.91 17.50
C THR A 98 34.99 28.47 17.02
N VAL A 99 34.14 28.21 18.00
CA VAL A 99 32.77 27.78 17.79
C VAL A 99 32.00 28.75 16.91
N LEU A 100 32.16 30.03 17.20
CA LEU A 100 31.50 31.09 16.44
C LEU A 100 31.83 30.91 14.95
N GLU A 101 33.11 31.07 14.63
CA GLU A 101 33.64 30.92 13.28
C GLU A 101 33.21 29.62 12.61
N ASN A 102 33.10 28.57 13.43
CA ASN A 102 32.67 27.28 12.94
C ASN A 102 31.21 27.33 12.47
N LEU A 103 30.51 28.39 12.85
CA LEU A 103 29.13 28.58 12.43
C LEU A 103 29.14 29.69 11.41
N LEU A 104 30.13 30.57 11.49
CA LEU A 104 30.26 31.68 10.56
C LEU A 104 30.51 31.12 9.17
N ILE A 105 31.29 30.05 9.11
CA ILE A 105 31.60 29.36 7.86
C ILE A 105 30.36 28.69 7.28
N GLY A 106 29.37 28.45 8.13
CA GLY A 106 28.14 27.83 7.69
C GLY A 106 27.45 28.69 6.65
N GLU A 107 27.98 29.90 6.45
CA GLU A 107 27.47 30.85 5.49
C GLU A 107 28.47 31.20 4.41
N ILE A 108 29.75 30.92 4.64
CA ILE A 108 30.77 31.22 3.64
C ILE A 108 30.39 30.47 2.36
N ASN A 109 29.69 29.36 2.56
CA ASN A 109 29.18 28.51 1.51
C ASN A 109 28.10 27.66 2.17
N PRO A 110 26.83 28.07 2.00
CA PRO A 110 25.61 27.43 2.55
C PRO A 110 25.18 26.17 1.80
N GLY A 111 24.72 25.18 2.56
CA GLY A 111 24.30 23.91 1.98
C GLY A 111 25.47 23.18 1.35
N GLU A 112 26.68 23.70 1.59
CA GLU A 112 27.91 23.16 1.05
C GLU A 112 28.92 22.74 2.15
N SER A 113 29.69 21.70 1.83
CA SER A 113 30.71 21.10 2.72
C SER A 113 31.57 22.06 3.54
N PRO A 114 31.79 21.76 4.84
CA PRO A 114 32.59 22.57 5.76
C PRO A 114 34.01 22.71 5.20
N LEU A 115 34.37 21.78 4.30
CA LEU A 115 35.67 21.77 3.64
C LEU A 115 35.64 22.84 2.54
N ASN A 116 34.70 22.69 1.60
CA ASN A 116 34.54 23.63 0.49
C ASN A 116 33.99 25.00 0.88
N SER A 117 33.52 25.13 2.12
CA SER A 117 33.01 26.41 2.62
C SER A 117 34.17 27.24 3.16
N LEU A 118 34.95 26.64 4.06
CA LEU A 118 36.11 27.30 4.66
C LEU A 118 37.23 27.54 3.64
N PHE A 119 37.17 26.84 2.51
CA PHE A 119 38.20 26.99 1.48
C PHE A 119 37.93 28.15 0.53
N TYR A 120 37.06 29.06 0.98
CA TYR A 120 36.70 30.30 0.29
C TYR A 120 36.93 31.39 1.36
N LYS A 121 37.62 30.99 2.43
CA LYS A 121 37.97 31.84 3.56
C LYS A 121 39.44 32.25 3.53
N LYS A 122 39.64 33.55 3.35
CA LYS A 122 40.97 34.17 3.32
C LYS A 122 41.13 34.59 4.78
N TRP A 123 40.08 35.24 5.27
CA TRP A 123 39.96 35.67 6.65
C TRP A 123 38.48 35.64 6.99
N ILE A 124 38.18 34.92 8.06
CA ILE A 124 36.82 34.74 8.56
C ILE A 124 35.93 35.99 8.57
N PRO A 125 34.75 35.90 7.90
CA PRO A 125 33.70 36.93 7.73
C PRO A 125 33.00 37.40 8.99
N LYS A 126 33.63 38.36 9.68
CA LYS A 126 33.07 38.91 10.91
C LYS A 126 32.15 40.10 10.62
N GLU A 127 31.28 39.91 9.62
CA GLU A 127 30.32 40.93 9.23
C GLU A 127 29.29 41.12 10.33
N GLU A 128 28.73 42.31 10.40
CA GLU A 128 27.74 42.64 11.42
C GLU A 128 26.57 41.67 11.52
N GLU A 129 25.91 41.38 10.40
CA GLU A 129 24.75 40.47 10.43
C GLU A 129 25.04 38.99 10.75
N MET A 130 26.15 38.48 10.23
CA MET A 130 26.53 37.08 10.46
C MET A 130 26.85 36.80 11.92
N VAL A 131 27.47 37.78 12.59
CA VAL A 131 27.81 37.68 14.00
C VAL A 131 26.53 37.57 14.82
N GLU A 132 25.66 38.57 14.64
CA GLU A 132 24.37 38.64 15.33
C GLU A 132 23.55 37.38 15.14
N LYS A 133 23.43 36.92 13.90
CA LYS A 133 22.67 35.69 13.60
C LYS A 133 23.26 34.47 14.30
N ALA A 134 24.59 34.34 14.25
CA ALA A 134 25.30 33.23 14.86
C ALA A 134 25.06 33.19 16.36
N PHE A 135 25.45 34.26 17.06
CA PHE A 135 25.27 34.36 18.50
C PHE A 135 23.84 34.08 18.96
N LYS A 136 22.86 34.36 18.11
CA LYS A 136 21.46 34.10 18.43
C LYS A 136 21.28 32.58 18.49
N ILE A 137 21.82 31.93 17.47
CA ILE A 137 21.81 30.49 17.28
C ILE A 137 22.70 29.83 18.32
N LEU A 138 23.72 30.53 18.81
CA LEU A 138 24.60 29.96 19.83
C LEU A 138 23.88 29.91 21.17
N GLU A 139 22.95 30.84 21.40
CA GLU A 139 22.21 30.83 22.65
C GLU A 139 21.10 29.76 22.59
N PHE A 140 20.43 29.70 21.45
CA PHE A 140 19.37 28.71 21.24
C PHE A 140 19.86 27.30 21.51
N LEU A 141 20.96 26.93 20.86
CA LEU A 141 21.56 25.60 20.99
C LEU A 141 22.19 25.40 22.36
N LYS A 142 22.07 26.42 23.21
CA LYS A 142 22.61 26.43 24.57
C LYS A 142 24.13 26.40 24.56
N LEU A 143 24.72 26.88 23.48
CA LEU A 143 26.16 26.92 23.33
C LEU A 143 26.61 28.37 23.32
N SER A 144 25.96 29.16 24.16
CA SER A 144 26.22 30.60 24.31
C SER A 144 27.66 30.86 24.78
N HIS A 145 27.98 30.28 25.93
CA HIS A 145 29.26 30.37 26.63
C HIS A 145 30.51 29.84 25.89
N LEU A 146 30.34 29.29 24.69
CA LEU A 146 31.49 28.76 23.96
C LEU A 146 31.83 29.48 22.67
N TYR A 147 31.31 30.70 22.49
CA TYR A 147 31.57 31.49 21.28
C TYR A 147 33.06 31.62 20.90
N ASP A 148 33.96 31.59 21.87
CA ASP A 148 35.38 31.72 21.56
C ASP A 148 36.24 30.53 21.97
N ARG A 149 35.59 29.39 22.22
CA ARG A 149 36.32 28.19 22.58
C ARG A 149 36.71 27.54 21.22
N LYS A 150 37.94 27.05 21.11
CA LYS A 150 38.32 26.39 19.86
C LYS A 150 37.38 25.21 19.74
N ALA A 151 36.98 24.87 18.52
CA ALA A 151 36.07 23.75 18.32
C ALA A 151 36.71 22.42 18.69
N GLY A 152 38.03 22.42 18.86
CA GLY A 152 38.75 21.22 19.24
C GLY A 152 38.47 20.89 20.69
N GLU A 153 38.37 21.94 21.49
CA GLU A 153 38.09 21.84 22.93
C GLU A 153 36.65 21.43 23.25
N LEU A 154 35.85 21.13 22.23
CA LEU A 154 34.45 20.75 22.44
C LEU A 154 34.23 19.24 22.51
N SER A 155 33.52 18.80 23.54
CA SER A 155 33.18 17.40 23.72
C SER A 155 32.42 16.92 22.50
N GLY A 156 32.10 15.63 22.48
CA GLY A 156 31.35 15.09 21.36
C GLY A 156 29.97 15.74 21.36
N GLY A 157 29.39 15.92 22.54
CA GLY A 157 28.08 16.52 22.67
C GLY A 157 28.03 17.97 22.26
N GLN A 158 28.97 18.76 22.79
CA GLN A 158 29.09 20.19 22.49
C GLN A 158 29.35 20.35 20.98
N MET A 159 30.08 19.39 20.40
CA MET A 159 30.41 19.41 18.97
C MET A 159 29.22 19.27 18.02
N LYS A 160 28.47 18.17 18.13
CA LYS A 160 27.31 17.89 17.27
C LYS A 160 26.30 19.02 17.10
N LEU A 161 26.17 19.84 18.15
CA LEU A 161 25.24 20.95 18.19
C LEU A 161 25.83 22.16 17.45
N VAL A 162 27.15 22.22 17.38
CA VAL A 162 27.84 23.31 16.67
C VAL A 162 27.78 22.95 15.18
N GLU A 163 27.63 21.66 14.91
CA GLU A 163 27.53 21.15 13.55
C GLU A 163 26.11 21.36 13.01
N ILE A 164 25.14 21.27 13.92
CA ILE A 164 23.74 21.48 13.59
C ILE A 164 23.53 22.98 13.48
N GLY A 165 24.35 23.74 14.20
CA GLY A 165 24.24 25.18 14.13
C GLY A 165 24.79 25.64 12.79
N ARG A 166 25.90 25.04 12.38
CA ARG A 166 26.55 25.34 11.11
C ARG A 166 25.51 25.12 9.99
N ALA A 167 24.77 24.02 10.11
CA ALA A 167 23.70 23.64 9.18
C ALA A 167 22.48 24.54 9.35
N LEU A 168 22.43 25.26 10.46
CA LEU A 168 21.34 26.17 10.78
C LEU A 168 21.61 27.52 10.15
N MET A 169 22.90 27.82 9.99
CA MET A 169 23.37 29.07 9.40
C MET A 169 23.09 29.16 7.91
N THR A 170 21.86 28.79 7.53
CA THR A 170 21.43 28.80 6.15
C THR A 170 19.93 29.05 6.19
N ASN A 171 19.32 28.62 7.29
CA ASN A 171 17.87 28.73 7.54
C ASN A 171 17.14 27.78 6.59
N PRO A 172 17.38 26.46 6.74
CA PRO A 172 16.79 25.39 5.94
C PRO A 172 15.35 25.04 6.27
N LYS A 173 14.70 24.42 5.29
CA LYS A 173 13.32 23.96 5.42
C LYS A 173 13.39 22.49 5.82
N MET A 174 14.58 21.90 5.62
CA MET A 174 14.88 20.51 5.96
C MET A 174 16.37 20.31 6.26
N ILE A 175 16.67 19.62 7.35
CA ILE A 175 18.06 19.31 7.72
C ILE A 175 18.24 17.80 7.65
N VAL A 176 19.45 17.37 7.30
CA VAL A 176 19.75 15.96 7.18
C VAL A 176 20.84 15.57 8.18
N MET A 177 20.54 14.61 9.04
CA MET A 177 21.50 14.14 10.04
C MET A 177 21.82 12.66 9.88
N ASP A 178 23.10 12.34 9.86
CA ASP A 178 23.51 10.95 9.73
C ASP A 178 24.17 10.50 11.02
N GLU A 179 23.36 9.84 11.86
CA GLU A 179 23.81 9.25 13.13
C GLU A 179 24.34 10.14 14.26
N PRO A 180 23.77 11.35 14.43
CA PRO A 180 24.28 12.21 15.50
C PRO A 180 24.33 11.54 16.90
N ILE A 181 23.30 10.79 17.29
CA ILE A 181 23.28 10.12 18.60
C ILE A 181 23.91 8.73 18.56
N ALA A 182 24.06 8.18 17.36
CA ALA A 182 24.65 6.85 17.19
C ALA A 182 26.00 6.77 17.89
N GLY A 183 26.04 6.08 19.02
CA GLY A 183 27.27 5.93 19.79
C GLY A 183 27.26 6.59 21.14
N VAL A 184 26.61 7.74 21.23
CA VAL A 184 26.50 8.56 22.45
C VAL A 184 25.85 7.88 23.67
N ALA A 185 25.87 8.58 24.80
CA ALA A 185 25.25 8.08 26.04
C ALA A 185 23.76 8.43 25.98
N PRO A 186 22.90 7.70 26.70
CA PRO A 186 21.46 8.00 26.66
C PRO A 186 21.10 9.43 27.08
N GLY A 187 21.87 10.02 27.99
CA GLY A 187 21.60 11.38 28.43
C GLY A 187 21.72 12.37 27.27
N LEU A 188 22.70 12.12 26.40
CA LEU A 188 22.95 12.96 25.22
C LEU A 188 21.99 12.69 24.05
N ALA A 189 21.50 11.45 23.92
CA ALA A 189 20.56 11.10 22.86
C ALA A 189 19.40 12.08 22.89
N HIS A 190 18.81 12.24 24.07
CA HIS A 190 17.70 13.15 24.27
C HIS A 190 18.15 14.59 24.02
N ASP A 191 19.38 14.90 24.41
CA ASP A 191 19.92 16.26 24.22
C ASP A 191 19.96 16.69 22.75
N ILE A 192 20.52 15.86 21.89
CA ILE A 192 20.58 16.21 20.46
C ILE A 192 19.16 16.42 19.97
N PHE A 193 18.34 15.41 20.28
CA PHE A 193 16.94 15.37 19.90
C PHE A 193 16.07 16.42 20.55
N ASN A 194 16.51 16.94 21.69
CA ASN A 194 15.77 17.99 22.36
C ASN A 194 15.60 19.10 21.34
N HIS A 195 16.71 19.70 20.94
CA HIS A 195 16.73 20.78 19.97
C HIS A 195 16.00 20.38 18.69
N VAL A 196 15.99 19.07 18.42
CA VAL A 196 15.32 18.52 17.25
C VAL A 196 13.84 18.91 17.29
N LEU A 197 13.25 18.86 18.48
CA LEU A 197 11.86 19.25 18.61
C LEU A 197 11.80 20.78 18.79
N GLU A 198 12.90 21.38 19.21
CA GLU A 198 13.01 22.82 19.40
C GLU A 198 13.08 23.54 18.06
N LEU A 199 13.41 22.79 17.02
CA LEU A 199 13.51 23.33 15.67
C LEU A 199 12.36 22.83 14.82
N LYS A 200 11.76 21.71 15.23
CA LYS A 200 10.62 21.16 14.50
C LYS A 200 9.44 22.10 14.72
N ALA A 201 9.43 22.77 15.88
CA ALA A 201 8.39 23.73 16.24
C ALA A 201 8.71 25.14 15.70
N LYS A 202 9.73 25.21 14.85
CA LYS A 202 10.14 26.46 14.24
C LYS A 202 9.91 26.38 12.74
N GLY A 203 9.50 25.20 12.28
CA GLY A 203 9.20 24.99 10.87
C GLY A 203 10.25 24.26 10.06
N ILE A 204 11.08 23.46 10.73
CA ILE A 204 12.13 22.69 10.05
C ILE A 204 11.83 21.21 10.07
N THR A 205 12.06 20.55 8.94
CA THR A 205 11.82 19.12 8.71
C THR A 205 13.12 18.30 8.79
N PHE A 206 13.12 17.19 9.53
CA PHE A 206 14.33 16.39 9.65
C PHE A 206 14.36 15.03 8.95
N LEU A 207 15.55 14.68 8.49
CA LEU A 207 15.80 13.41 7.84
C LEU A 207 16.99 12.85 8.61
N ILE A 208 16.68 12.15 9.71
CA ILE A 208 17.73 11.59 10.52
C ILE A 208 17.96 10.13 10.12
N ILE A 209 19.12 9.61 10.50
CA ILE A 209 19.52 8.24 10.21
C ILE A 209 20.30 7.69 11.37
N GLU A 210 19.82 6.60 11.95
CA GLU A 210 20.50 5.97 13.06
C GLU A 210 20.67 4.48 12.76
N HIS A 211 21.53 3.79 13.49
CA HIS A 211 21.70 2.36 13.26
C HIS A 211 20.40 1.66 13.69
N ARG A 212 20.01 1.88 14.94
CA ARG A 212 18.81 1.28 15.56
C ARG A 212 17.97 2.37 16.21
N LEU A 213 16.74 2.06 16.62
CA LEU A 213 15.88 3.05 17.30
C LEU A 213 15.39 2.52 18.66
N ASP A 214 16.10 2.91 19.71
CA ASP A 214 15.80 2.46 21.05
C ASP A 214 15.28 3.58 21.96
N ILE A 215 16.17 4.50 22.27
CA ILE A 215 15.94 5.65 23.16
C ILE A 215 14.88 6.69 22.75
N VAL A 216 15.05 7.22 21.55
CA VAL A 216 14.22 8.28 20.99
C VAL A 216 12.94 7.91 20.22
N LEU A 217 12.30 6.82 20.63
CA LEU A 217 11.07 6.33 20.01
C LEU A 217 9.84 7.26 20.18
N ASN A 218 9.79 7.99 21.29
CA ASN A 218 8.67 8.91 21.59
C ASN A 218 8.70 10.20 20.78
N TYR A 219 9.82 10.44 20.09
CA TYR A 219 10.01 11.62 19.27
C TYR A 219 9.52 11.37 17.84
N ILE A 220 10.04 10.30 17.26
CA ILE A 220 9.73 9.86 15.90
C ILE A 220 8.32 10.15 15.36
N ASP A 221 8.29 10.87 14.24
CA ASP A 221 7.05 11.21 13.57
C ASP A 221 6.77 10.21 12.48
N HIS A 222 7.83 9.57 11.99
CA HIS A 222 7.75 8.60 10.92
C HIS A 222 9.01 7.73 10.89
N LEU A 223 8.79 6.41 10.81
CA LEU A 223 9.89 5.46 10.76
C LEU A 223 9.89 4.77 9.42
N TYR A 224 11.09 4.38 8.99
CA TYR A 224 11.33 3.67 7.72
C TYR A 224 12.55 2.80 8.02
N VAL A 225 12.39 1.48 7.96
CA VAL A 225 13.52 0.56 8.20
C VAL A 225 14.14 0.17 6.86
N MET A 226 15.41 -0.18 6.91
CA MET A 226 16.14 -0.58 5.73
C MET A 226 17.03 -1.81 5.96
N PHE A 227 17.10 -2.63 4.92
CA PHE A 227 17.93 -3.82 4.88
C PHE A 227 18.32 -3.97 3.41
N ASN A 228 19.62 -4.10 3.16
CA ASN A 228 20.19 -4.28 1.82
C ASN A 228 19.74 -3.34 0.68
N GLY A 229 19.65 -2.05 0.96
CA GLY A 229 19.26 -1.08 -0.05
C GLY A 229 17.79 -0.89 -0.29
N GLN A 230 16.96 -1.67 0.40
CA GLN A 230 15.51 -1.58 0.27
C GLN A 230 14.88 -1.08 1.56
N ILE A 231 13.55 -1.00 1.56
CA ILE A 231 12.79 -0.60 2.75
C ILE A 231 12.09 -1.90 3.17
N ILE A 232 12.35 -2.34 4.40
CA ILE A 232 11.75 -3.59 4.86
C ILE A 232 10.52 -3.43 5.76
N ALA A 233 10.36 -2.24 6.34
CA ALA A 233 9.22 -1.98 7.21
C ALA A 233 9.06 -0.49 7.44
N GLU A 234 7.86 -0.09 7.82
CA GLU A 234 7.60 1.33 8.05
C GLU A 234 6.49 1.66 9.03
N GLY A 235 6.79 2.57 9.95
CA GLY A 235 5.82 3.03 10.92
C GLY A 235 5.74 4.53 10.79
N ARG A 236 4.68 5.13 11.30
CA ARG A 236 4.47 6.57 11.26
C ARG A 236 3.61 6.92 12.47
N GLY A 237 3.86 6.20 13.57
CA GLY A 237 3.14 6.40 14.81
C GLY A 237 3.78 5.48 15.83
N GLU A 238 3.62 5.81 17.11
CA GLU A 238 4.24 5.02 18.20
C GLU A 238 4.04 3.50 18.12
N GLU A 239 2.80 3.07 17.91
CA GLU A 239 2.48 1.65 17.83
C GLU A 239 2.94 1.07 16.49
N GLU A 240 2.88 1.89 15.43
CA GLU A 240 3.32 1.45 14.11
C GLU A 240 4.82 1.15 14.15
N ILE A 241 5.54 2.02 14.83
CA ILE A 241 7.00 1.94 14.97
C ILE A 241 7.42 0.87 15.98
N LYS A 242 6.79 0.86 17.16
CA LYS A 242 7.13 -0.13 18.21
C LYS A 242 7.04 -1.54 17.65
N ASN A 243 5.93 -1.77 16.94
CA ASN A 243 5.61 -3.04 16.29
C ASN A 243 6.67 -3.31 15.23
N VAL A 244 6.97 -2.27 14.45
CA VAL A 244 7.95 -2.31 13.37
C VAL A 244 9.40 -2.49 13.80
N LEU A 245 9.70 -2.20 15.06
CA LEU A 245 11.05 -2.37 15.59
C LEU A 245 11.07 -3.77 16.20
N SER A 246 10.09 -4.01 17.06
CA SER A 246 9.92 -5.29 17.72
C SER A 246 9.21 -6.28 16.79
N ASP A 247 9.42 -6.04 15.49
CA ASP A 247 8.89 -6.87 14.41
C ASP A 247 9.93 -7.97 14.21
N PRO A 248 9.53 -9.24 14.30
CA PRO A 248 10.39 -10.40 14.16
C PRO A 248 11.59 -10.25 13.19
N LYS A 249 11.33 -10.25 11.89
CA LYS A 249 12.40 -10.12 10.91
C LYS A 249 13.24 -8.84 11.10
N VAL A 250 12.60 -7.82 11.67
CA VAL A 250 13.24 -6.53 11.93
C VAL A 250 14.17 -6.55 13.14
N VAL A 251 13.91 -7.45 14.10
CA VAL A 251 14.78 -7.58 15.28
C VAL A 251 15.84 -8.67 15.05
N GLU A 252 15.75 -9.34 13.91
CA GLU A 252 16.69 -10.40 13.57
C GLU A 252 17.99 -9.82 12.99
N ILE A 253 17.84 -8.88 12.06
CA ILE A 253 18.99 -8.24 11.42
C ILE A 253 19.83 -7.41 12.40
N TYR A 254 19.39 -7.40 13.66
CA TYR A 254 20.07 -6.68 14.74
C TYR A 254 20.54 -7.68 15.80
N ILE A 255 20.56 -8.96 15.45
CA ILE A 255 21.03 -10.01 16.36
C ILE A 255 22.52 -10.17 16.08
N GLY A 256 23.29 -9.28 16.67
CA GLY A 256 24.73 -9.28 16.51
C GLY A 256 25.24 -7.88 16.78
N THR B 4 0.56 48.44 -30.39
CA THR B 4 -0.74 48.05 -29.84
C THR B 4 -0.62 47.82 -28.32
N MET B 5 -1.75 47.72 -27.64
CA MET B 5 -1.78 47.48 -26.20
C MET B 5 -2.32 46.08 -25.93
N GLU B 6 -2.03 45.54 -24.75
CA GLU B 6 -2.51 44.20 -24.38
C GLU B 6 -4.02 44.20 -24.13
N ILE B 7 -4.65 43.05 -24.36
CA ILE B 7 -6.09 42.90 -24.16
C ILE B 7 -6.37 41.99 -22.97
N LEU B 8 -5.31 41.44 -22.39
CA LEU B 8 -5.39 40.53 -21.26
C LEU B 8 -4.10 40.56 -20.47
N ARG B 9 -4.03 41.39 -19.44
CA ARG B 9 -2.82 41.47 -18.61
C ARG B 9 -3.04 40.87 -17.23
N THR B 10 -2.88 39.54 -17.11
CA THR B 10 -3.03 38.87 -15.83
C THR B 10 -1.82 39.15 -14.96
N GLU B 11 -2.05 39.65 -13.75
CA GLU B 11 -0.96 39.99 -12.83
C GLU B 11 -0.75 39.03 -11.68
N ASN B 12 0.52 38.72 -11.44
CA ASN B 12 1.01 37.81 -10.38
C ASN B 12 0.05 36.76 -9.79
N ILE B 13 -0.60 36.04 -10.70
CA ILE B 13 -1.53 34.96 -10.36
C ILE B 13 -0.81 33.85 -9.56
N VAL B 14 -1.38 33.51 -8.40
CA VAL B 14 -0.83 32.47 -7.54
C VAL B 14 -1.93 31.46 -7.31
N LYS B 15 -1.59 30.19 -7.45
CA LYS B 15 -2.54 29.11 -7.28
C LYS B 15 -1.98 28.02 -6.39
N TYR B 16 -2.87 27.25 -5.76
CA TYR B 16 -2.48 26.17 -4.86
C TYR B 16 -3.31 24.88 -5.03
N PHE B 17 -2.64 23.74 -4.91
CA PHE B 17 -3.28 22.44 -4.98
C PHE B 17 -2.98 21.76 -3.63
N GLY B 18 -3.80 22.11 -2.63
CA GLY B 18 -3.60 21.62 -1.27
C GLY B 18 -2.56 22.58 -0.70
N GLU B 19 -1.31 22.13 -0.64
CA GLU B 19 -0.21 22.97 -0.18
C GLU B 19 0.76 23.17 -1.37
N PHE B 20 0.41 22.55 -2.49
CA PHE B 20 1.17 22.62 -3.74
C PHE B 20 0.90 23.98 -4.38
N LYS B 21 1.89 24.47 -5.12
CA LYS B 21 1.78 25.76 -5.79
C LYS B 21 1.87 25.55 -7.29
N ALA B 22 0.74 25.33 -7.95
CA ALA B 22 0.69 25.12 -9.40
C ALA B 22 1.34 26.28 -10.11
N LEU B 23 0.68 27.44 -10.01
CA LEU B 23 1.11 28.71 -10.59
C LEU B 23 1.56 29.55 -9.43
N ASP B 24 2.77 30.08 -9.54
CA ASP B 24 3.39 30.91 -8.50
C ASP B 24 3.73 32.33 -9.01
N GLY B 25 2.72 33.11 -9.38
CA GLY B 25 2.95 34.47 -9.87
C GLY B 25 3.21 34.62 -11.37
N VAL B 26 2.26 34.16 -12.19
CA VAL B 26 2.37 34.22 -13.64
C VAL B 26 1.82 35.53 -14.23
N SER B 27 2.67 36.55 -14.37
CA SER B 27 2.19 37.81 -14.96
C SER B 27 2.37 37.81 -16.47
N ILE B 28 1.26 37.82 -17.23
CA ILE B 28 1.29 37.82 -18.69
C ILE B 28 0.46 38.94 -19.30
N SER B 29 0.98 39.56 -20.35
CA SER B 29 0.28 40.65 -21.04
C SER B 29 0.01 40.22 -22.50
N VAL B 30 -1.16 39.62 -22.73
CA VAL B 30 -1.55 39.12 -24.06
C VAL B 30 -2.14 40.18 -24.98
N CYS B 31 -1.80 40.05 -26.25
CA CYS B 31 -2.24 40.96 -27.29
C CYS B 31 -2.73 40.15 -28.49
N LYS B 32 -3.40 43.43 -28.29
CA LYS B 32 -4.51 43.01 -29.13
C LYS B 32 -3.97 42.40 -30.43
N GLY B 33 -4.81 41.62 -31.11
CA GLY B 33 -4.43 40.99 -32.37
C GLY B 33 -2.99 40.56 -32.47
N ASP B 34 -2.72 39.34 -31.99
CA ASP B 34 -1.39 38.75 -31.98
C ASP B 34 -1.59 37.33 -31.42
N VAL B 35 -0.88 36.36 -31.97
CA VAL B 35 -1.01 34.99 -31.49
C VAL B 35 -0.03 34.65 -30.34
N THR B 36 -0.46 34.96 -29.11
CA THR B 36 0.33 34.70 -27.92
C THR B 36 0.23 33.23 -27.53
N LEU B 37 1.38 32.58 -27.40
CA LEU B 37 1.40 31.16 -27.02
C LEU B 37 2.16 31.03 -25.71
N ILE B 38 2.09 29.84 -25.12
CA ILE B 38 2.78 29.53 -23.89
C ILE B 38 3.12 28.03 -23.94
N ILE B 39 4.36 27.70 -23.59
CA ILE B 39 4.81 26.31 -23.58
C ILE B 39 5.52 25.98 -22.28
N GLY B 40 5.88 24.72 -22.10
CA GLY B 40 6.56 24.28 -20.89
C GLY B 40 6.45 22.77 -20.72
N PRO B 41 7.39 22.11 -20.01
CA PRO B 41 7.23 20.66 -19.87
C PRO B 41 5.88 20.32 -19.24
N ASN B 42 5.41 19.09 -19.40
CA ASN B 42 4.11 18.72 -18.83
C ASN B 42 4.14 18.68 -17.29
N GLY B 43 3.28 19.49 -16.67
CA GLY B 43 3.18 19.58 -15.23
C GLY B 43 3.68 20.92 -14.69
N SER B 44 4.06 21.81 -15.61
CA SER B 44 4.61 23.14 -15.31
C SER B 44 3.61 24.27 -15.02
N GLY B 45 2.44 23.92 -14.49
CA GLY B 45 1.43 24.92 -14.17
C GLY B 45 1.01 25.77 -15.35
N LYS B 46 0.31 25.16 -16.30
CA LYS B 46 -0.15 25.90 -17.48
C LYS B 46 -1.65 25.85 -17.64
N SER B 47 -2.24 24.65 -17.53
CA SER B 47 -3.68 24.45 -17.67
C SER B 47 -4.42 25.18 -16.57
N THR B 48 -3.73 25.41 -15.45
CA THR B 48 -4.28 26.12 -14.30
C THR B 48 -4.48 27.59 -14.68
N LEU B 49 -3.44 28.16 -15.29
CA LEU B 49 -3.43 29.54 -15.74
C LEU B 49 -4.63 29.73 -16.65
N ILE B 50 -4.94 28.67 -17.37
CA ILE B 50 -6.05 28.67 -18.29
C ILE B 50 -7.35 28.63 -17.52
N ASN B 51 -7.52 27.62 -16.65
CA ASN B 51 -8.75 27.50 -15.87
C ASN B 51 -8.96 28.73 -15.00
N VAL B 52 -7.90 29.21 -14.36
CA VAL B 52 -7.93 30.38 -13.49
C VAL B 52 -8.51 31.60 -14.19
N ILE B 53 -7.95 31.91 -15.35
CA ILE B 53 -8.35 33.08 -16.15
C ILE B 53 -9.77 33.00 -16.66
N THR B 54 -10.10 31.88 -17.28
CA THR B 54 -11.42 31.67 -17.86
C THR B 54 -12.52 31.14 -16.90
N GLY B 55 -12.47 31.56 -15.64
CA GLY B 55 -13.48 31.17 -14.66
C GLY B 55 -13.60 29.76 -14.11
N PHE B 56 -12.79 28.82 -14.59
CA PHE B 56 -12.90 27.47 -14.07
C PHE B 56 -12.14 27.22 -12.76
N LEU B 57 -11.21 28.13 -12.45
CA LEU B 57 -10.42 28.07 -11.21
C LEU B 57 -10.44 29.44 -10.59
N LYS B 58 -10.11 29.51 -9.31
CA LYS B 58 -10.07 30.78 -8.59
C LYS B 58 -8.65 31.17 -8.22
N ALA B 59 -8.29 32.42 -8.54
CA ALA B 59 -6.97 32.97 -8.25
C ALA B 59 -6.77 33.22 -6.75
N ASP B 60 -6.09 32.28 -6.09
CA ASP B 60 -5.80 32.35 -4.66
C ASP B 60 -5.16 33.67 -4.27
N GLU B 61 -4.61 34.37 -5.25
CA GLU B 61 -3.93 35.65 -5.03
C GLU B 61 -3.62 36.27 -6.40
N GLY B 62 -3.70 37.59 -6.51
CA GLY B 62 -3.39 38.22 -7.78
C GLY B 62 -4.62 38.68 -8.55
N ARG B 63 -4.40 39.49 -9.60
CA ARG B 63 -5.49 40.02 -10.43
C ARG B 63 -5.36 39.63 -11.90
N VAL B 64 -6.48 39.74 -12.62
CA VAL B 64 -6.58 39.43 -14.05
C VAL B 64 -7.50 40.48 -14.67
N TYR B 65 -6.97 41.25 -15.61
CA TYR B 65 -7.74 42.31 -16.28
C TYR B 65 -7.93 41.96 -17.74
N PHE B 66 -9.09 42.32 -18.30
CA PHE B 66 -9.40 42.07 -19.71
C PHE B 66 -10.05 43.31 -20.32
N GLU B 67 -9.26 44.04 -21.10
CA GLU B 67 -9.66 45.29 -21.75
C GLU B 67 -9.79 46.35 -20.67
N ASN B 68 -9.04 46.15 -19.58
CA ASN B 68 -9.00 47.02 -18.40
C ASN B 68 -10.11 46.67 -17.40
N LYS B 69 -11.28 46.30 -17.92
CA LYS B 69 -12.45 45.96 -17.12
C LYS B 69 -12.31 44.77 -16.15
N ASP B 70 -11.29 44.83 -15.29
CA ASP B 70 -10.96 43.81 -14.26
C ASP B 70 -11.89 42.60 -14.26
N ILE B 71 -11.40 41.47 -14.73
CA ILE B 71 -12.22 40.27 -14.81
C ILE B 71 -11.80 39.15 -13.86
N THR B 72 -10.92 39.48 -12.91
CA THR B 72 -10.42 38.50 -11.96
C THR B 72 -11.53 37.76 -11.21
N ASN B 73 -11.29 36.47 -10.97
CA ASN B 73 -12.19 35.59 -10.23
C ASN B 73 -13.66 35.50 -10.64
N LYS B 74 -13.95 35.80 -11.91
CA LYS B 74 -15.33 35.71 -12.40
C LYS B 74 -15.63 34.29 -12.86
N GLU B 75 -16.91 33.99 -13.07
CA GLU B 75 -17.35 32.66 -13.49
C GLU B 75 -17.05 32.49 -14.98
N PRO B 76 -17.32 31.29 -15.56
CA PRO B 76 -17.06 31.07 -16.99
C PRO B 76 -18.16 31.59 -17.93
N ALA B 77 -19.39 31.12 -17.74
CA ALA B 77 -20.53 31.54 -18.57
C ALA B 77 -20.92 32.95 -18.14
N GLU B 78 -19.89 33.70 -17.75
CA GLU B 78 -19.98 35.08 -17.30
C GLU B 78 -18.97 35.82 -18.16
N LEU B 79 -17.80 35.21 -18.30
CA LEU B 79 -16.72 35.74 -19.13
C LEU B 79 -17.18 35.63 -20.56
N TYR B 80 -18.19 34.79 -20.75
CA TYR B 80 -18.83 34.54 -22.03
C TYR B 80 -19.34 35.84 -22.66
N HIS B 81 -19.56 36.85 -21.81
CA HIS B 81 -20.05 38.16 -22.27
C HIS B 81 -18.91 39.11 -22.66
N TYR B 82 -17.71 38.87 -22.16
CA TYR B 82 -16.57 39.72 -22.49
C TYR B 82 -15.93 39.29 -23.82
N GLY B 83 -16.59 38.37 -24.50
CA GLY B 83 -16.07 37.85 -25.75
C GLY B 83 -15.15 36.70 -25.43
N ILE B 84 -14.94 36.44 -24.14
CA ILE B 84 -14.08 35.34 -23.68
C ILE B 84 -14.71 33.98 -23.95
N VAL B 85 -14.07 33.21 -24.84
CA VAL B 85 -14.53 31.87 -25.17
C VAL B 85 -13.36 30.88 -25.00
N ARG B 86 -13.68 29.59 -25.03
CA ARG B 86 -12.68 28.54 -24.86
C ARG B 86 -13.03 27.26 -25.61
N THR B 87 -12.02 26.67 -26.24
CA THR B 87 -12.22 25.43 -26.99
C THR B 87 -12.39 24.25 -26.03
N PHE B 88 -13.64 23.82 -25.89
CA PHE B 88 -14.00 22.70 -25.03
C PHE B 88 -13.79 21.40 -25.77
N GLN B 89 -13.33 20.38 -25.07
CA GLN B 89 -13.12 19.08 -25.70
C GLN B 89 -14.45 18.31 -25.76
N THR B 90 -14.69 17.65 -26.90
CA THR B 90 -15.90 16.87 -27.13
C THR B 90 -16.04 15.64 -26.23
N PRO B 91 -16.97 15.69 -25.26
CA PRO B 91 -17.22 14.59 -24.32
C PRO B 91 -17.84 13.38 -25.03
N GLN B 92 -17.98 12.27 -24.32
CA GLN B 92 -18.58 11.06 -24.90
C GLN B 92 -20.03 11.28 -25.37
N PRO B 93 -20.83 12.08 -24.63
CA PRO B 93 -22.21 12.28 -25.09
C PRO B 93 -22.24 13.06 -26.42
N LEU B 94 -21.40 14.09 -26.50
CA LEU B 94 -21.27 14.93 -27.68
C LEU B 94 -20.73 14.19 -28.89
N LYS B 95 -20.33 12.93 -28.70
CA LYS B 95 -19.82 12.11 -29.79
C LYS B 95 -20.94 11.52 -30.65
N GLU B 96 -22.17 11.52 -30.13
CA GLU B 96 -23.29 10.98 -30.91
C GLU B 96 -24.13 12.09 -31.51
N MET B 97 -23.80 13.31 -31.16
CA MET B 97 -24.49 14.47 -31.68
C MET B 97 -23.82 14.85 -33.00
N THR B 98 -24.60 15.35 -33.95
CA THR B 98 -24.05 15.73 -35.26
C THR B 98 -23.05 16.90 -35.20
N VAL B 99 -22.59 17.33 -36.37
CA VAL B 99 -21.65 18.44 -36.50
C VAL B 99 -22.35 19.79 -36.24
N LEU B 100 -23.46 20.03 -36.92
CA LEU B 100 -24.24 21.25 -36.76
C LEU B 100 -24.75 21.29 -35.32
N GLU B 101 -25.19 20.14 -34.80
CA GLU B 101 -25.70 20.03 -33.44
C GLU B 101 -24.64 20.35 -32.40
N ASN B 102 -23.39 20.07 -32.73
CA ASN B 102 -22.29 20.35 -31.80
C ASN B 102 -21.98 21.84 -31.78
N LEU B 103 -22.77 22.60 -32.54
CA LEU B 103 -22.61 24.04 -32.60
C LEU B 103 -23.74 24.72 -31.86
N LEU B 104 -24.97 24.28 -32.11
CA LEU B 104 -26.17 24.88 -31.51
C LEU B 104 -26.34 24.73 -29.99
N ILE B 105 -25.67 23.75 -29.38
CA ILE B 105 -25.75 23.54 -27.93
C ILE B 105 -25.00 24.63 -27.15
N GLY B 106 -24.11 25.33 -27.84
CA GLY B 106 -23.37 26.41 -27.22
C GLY B 106 -24.25 27.65 -27.20
N GLU B 107 -25.56 27.40 -27.26
CA GLU B 107 -26.57 28.44 -27.24
C GLU B 107 -27.52 28.09 -26.09
N ILE B 108 -27.79 26.79 -25.91
CA ILE B 108 -28.64 26.31 -24.82
C ILE B 108 -27.90 26.62 -23.53
N ASN B 109 -26.66 26.10 -23.47
CA ASN B 109 -25.76 26.29 -22.33
C ASN B 109 -24.38 26.69 -22.85
N PRO B 110 -24.17 27.98 -23.14
CA PRO B 110 -22.92 28.54 -23.65
C PRO B 110 -21.91 28.87 -22.55
N GLY B 111 -20.65 29.03 -22.94
CA GLY B 111 -19.59 29.34 -21.99
C GLY B 111 -19.17 28.14 -21.13
N GLU B 112 -20.11 27.23 -20.92
CA GLU B 112 -19.89 26.02 -20.12
C GLU B 112 -19.63 24.80 -21.02
N SER B 113 -18.72 23.95 -20.59
CA SER B 113 -18.34 22.73 -21.33
C SER B 113 -19.52 21.93 -21.87
N PRO B 114 -19.28 21.04 -22.86
CA PRO B 114 -20.30 20.20 -23.50
C PRO B 114 -20.87 19.03 -22.66
N LEU B 115 -20.11 18.54 -21.69
CA LEU B 115 -20.55 17.41 -20.84
C LEU B 115 -21.81 17.72 -20.03
N ASN B 116 -21.73 18.71 -19.16
CA ASN B 116 -22.85 19.14 -18.32
C ASN B 116 -23.96 19.81 -19.14
N SER B 117 -23.54 20.53 -20.19
CA SER B 117 -24.44 21.26 -21.07
C SER B 117 -25.35 20.39 -21.96
N LEU B 118 -24.98 19.11 -22.14
CA LEU B 118 -25.78 18.18 -22.94
C LEU B 118 -27.00 17.64 -22.18
N PHE B 119 -26.83 17.42 -20.88
CA PHE B 119 -27.89 16.90 -20.02
C PHE B 119 -28.99 17.92 -19.76
N TYR B 120 -28.61 19.19 -19.64
CA TYR B 120 -29.59 20.28 -19.44
C TYR B 120 -30.59 20.22 -20.59
N LYS B 121 -30.11 19.75 -21.74
CA LYS B 121 -30.89 19.64 -22.97
C LYS B 121 -31.97 18.56 -23.03
N LYS B 122 -33.19 19.01 -23.23
CA LYS B 122 -34.35 18.14 -23.38
C LYS B 122 -34.39 17.96 -24.90
N TRP B 123 -33.93 19.01 -25.58
CA TRP B 123 -33.81 19.07 -27.03
C TRP B 123 -32.89 20.23 -27.44
N ILE B 124 -32.15 20.02 -28.53
CA ILE B 124 -31.22 21.03 -29.05
C ILE B 124 -32.00 22.08 -29.87
N PRO B 125 -31.91 23.35 -29.47
CA PRO B 125 -32.59 24.48 -30.13
C PRO B 125 -32.31 24.64 -31.62
N LYS B 126 -33.34 24.38 -32.42
CA LYS B 126 -33.27 24.50 -33.87
C LYS B 126 -34.12 25.70 -34.31
N GLU B 127 -33.65 26.90 -33.96
CA GLU B 127 -34.37 28.12 -34.30
C GLU B 127 -33.96 28.84 -35.57
N GLU B 128 -34.01 30.16 -35.56
CA GLU B 128 -33.69 30.91 -36.75
C GLU B 128 -32.25 31.01 -37.21
N GLU B 129 -31.64 32.17 -36.97
CA GLU B 129 -30.27 32.44 -37.40
C GLU B 129 -29.19 31.56 -36.78
N MET B 130 -29.59 30.61 -35.94
CA MET B 130 -28.63 29.70 -35.33
C MET B 130 -28.07 28.75 -36.37
N VAL B 131 -28.96 28.06 -37.09
CA VAL B 131 -28.56 27.14 -38.16
C VAL B 131 -27.80 27.91 -39.25
N GLU B 132 -28.22 29.14 -39.49
CA GLU B 132 -27.61 30.02 -40.49
C GLU B 132 -26.14 30.25 -40.15
N LYS B 133 -25.91 30.85 -38.97
CA LYS B 133 -24.59 31.17 -38.43
C LYS B 133 -23.61 30.01 -38.60
N ALA B 134 -24.12 28.79 -38.46
CA ALA B 134 -23.35 27.55 -38.58
C ALA B 134 -22.79 27.26 -39.98
N PHE B 135 -23.60 27.40 -41.01
CA PHE B 135 -23.10 27.12 -42.36
C PHE B 135 -22.07 28.12 -42.87
N LYS B 136 -22.02 29.28 -42.21
CA LYS B 136 -21.06 30.33 -42.52
C LYS B 136 -19.77 29.95 -41.76
N ILE B 137 -19.93 29.35 -40.58
CA ILE B 137 -18.81 28.91 -39.78
C ILE B 137 -18.19 27.65 -40.41
N LEU B 138 -19.06 26.76 -40.89
CA LEU B 138 -18.60 25.55 -41.56
C LEU B 138 -18.02 25.97 -42.92
N GLU B 139 -18.40 27.16 -43.37
CA GLU B 139 -17.90 27.73 -44.62
C GLU B 139 -16.44 28.13 -44.39
N PHE B 140 -16.13 28.57 -43.17
CA PHE B 140 -14.79 28.99 -42.78
C PHE B 140 -13.84 27.80 -42.60
N LEU B 141 -14.14 26.96 -41.62
CA LEU B 141 -13.32 25.80 -41.33
C LEU B 141 -13.46 24.69 -42.38
N LYS B 142 -14.21 24.99 -43.46
CA LYS B 142 -14.46 24.06 -44.56
C LYS B 142 -14.97 22.72 -44.04
N LEU B 143 -16.23 22.71 -43.61
CA LEU B 143 -16.85 21.51 -43.04
C LEU B 143 -18.32 21.33 -43.49
N SER B 144 -18.89 22.31 -44.16
CA SER B 144 -20.29 22.25 -44.60
C SER B 144 -20.82 20.93 -45.16
N HIS B 145 -19.94 20.08 -45.68
CA HIS B 145 -20.31 18.79 -46.25
C HIS B 145 -20.17 17.69 -45.22
N LEU B 146 -20.23 18.08 -43.94
CA LEU B 146 -20.09 17.14 -42.85
C LEU B 146 -21.23 17.24 -41.84
N TYR B 147 -21.91 18.40 -41.84
CA TYR B 147 -23.00 18.74 -40.92
C TYR B 147 -23.92 17.63 -40.38
N ASP B 148 -24.15 16.59 -41.18
CA ASP B 148 -25.03 15.47 -40.78
C ASP B 148 -24.28 14.30 -40.12
N ARG B 149 -22.97 14.44 -39.98
CA ARG B 149 -22.09 13.44 -39.39
C ARG B 149 -22.10 13.46 -37.84
N LYS B 150 -22.13 12.28 -37.23
CA LYS B 150 -22.11 12.15 -35.77
C LYS B 150 -20.70 12.54 -35.37
N ALA B 151 -20.54 13.35 -34.32
CA ALA B 151 -19.22 13.81 -33.88
C ALA B 151 -18.20 12.68 -33.68
N GLY B 152 -18.71 11.47 -33.48
CA GLY B 152 -17.85 10.32 -33.30
C GLY B 152 -17.47 9.78 -34.66
N GLU B 153 -18.46 9.70 -35.54
CA GLU B 153 -18.26 9.21 -36.92
C GLU B 153 -17.23 10.08 -37.65
N LEU B 154 -16.59 10.98 -36.91
CA LEU B 154 -15.58 11.86 -37.46
C LEU B 154 -14.23 11.27 -37.17
N SER B 155 -13.24 12.14 -37.22
CA SER B 155 -11.85 11.81 -36.95
C SER B 155 -11.37 12.82 -35.91
N GLY B 156 -10.27 12.51 -35.25
CA GLY B 156 -9.73 13.43 -34.25
C GLY B 156 -9.26 14.70 -34.92
N GLY B 157 -8.87 14.57 -36.18
CA GLY B 157 -8.40 15.71 -36.94
C GLY B 157 -9.52 16.69 -37.22
N GLN B 158 -10.68 16.17 -37.64
CA GLN B 158 -11.88 16.97 -37.95
C GLN B 158 -12.51 17.51 -36.68
N MET B 159 -12.55 16.69 -35.63
CA MET B 159 -13.13 17.07 -34.35
C MET B 159 -12.51 18.35 -33.80
N LYS B 160 -11.19 18.34 -33.67
CA LYS B 160 -10.49 19.51 -33.16
C LYS B 160 -10.83 20.81 -33.92
N LEU B 161 -11.32 20.67 -35.16
CA LEU B 161 -11.73 21.82 -35.97
C LEU B 161 -13.16 22.22 -35.58
N VAL B 162 -14.03 21.20 -35.47
CA VAL B 162 -15.45 21.37 -35.09
C VAL B 162 -15.55 21.96 -33.68
N GLU B 163 -14.46 21.89 -32.92
CA GLU B 163 -14.38 22.43 -31.57
C GLU B 163 -14.05 23.92 -31.63
N ILE B 164 -13.31 24.26 -32.68
CA ILE B 164 -12.92 25.64 -32.94
C ILE B 164 -14.14 26.38 -33.49
N GLY B 165 -14.94 25.71 -34.30
CA GLY B 165 -16.12 26.35 -34.83
C GLY B 165 -17.14 26.59 -33.74
N ARG B 166 -17.28 25.63 -32.83
CA ARG B 166 -18.23 25.69 -31.71
C ARG B 166 -18.07 26.96 -30.87
N ALA B 167 -16.83 27.38 -30.67
CA ALA B 167 -16.50 28.57 -29.89
C ALA B 167 -16.69 29.89 -30.66
N LEU B 168 -16.89 29.80 -31.97
CA LEU B 168 -17.06 30.99 -32.80
C LEU B 168 -18.53 31.33 -33.00
N MET B 169 -19.42 30.59 -32.33
CA MET B 169 -20.85 30.86 -32.44
C MET B 169 -21.25 32.12 -31.72
N THR B 170 -20.37 32.68 -30.91
CA THR B 170 -20.68 33.93 -30.19
C THR B 170 -19.90 35.12 -30.74
N ASN B 171 -19.03 34.87 -31.72
CA ASN B 171 -18.18 35.91 -32.31
C ASN B 171 -17.38 36.57 -31.18
N PRO B 172 -16.51 35.78 -30.53
CA PRO B 172 -15.63 36.16 -29.42
C PRO B 172 -14.42 36.96 -29.86
N LYS B 173 -13.80 37.66 -28.90
CA LYS B 173 -12.61 38.47 -29.14
C LYS B 173 -11.40 37.58 -28.93
N MET B 174 -11.29 37.04 -27.71
CA MET B 174 -10.19 36.15 -27.34
C MET B 174 -10.71 34.70 -27.36
N ILE B 175 -9.86 33.76 -27.80
CA ILE B 175 -10.25 32.35 -27.86
C ILE B 175 -9.11 31.51 -27.29
N VAL B 176 -9.21 31.24 -26.00
CA VAL B 176 -8.21 30.47 -25.27
C VAL B 176 -8.25 29.01 -25.62
N MET B 177 -7.13 28.51 -26.14
CA MET B 177 -7.03 27.11 -26.53
C MET B 177 -6.02 26.40 -25.68
N ASP B 178 -6.49 25.31 -25.07
CA ASP B 178 -5.66 24.48 -24.20
C ASP B 178 -5.13 23.27 -24.93
N GLU B 179 -4.03 23.50 -25.67
CA GLU B 179 -3.33 22.47 -26.42
C GLU B 179 -4.09 21.84 -27.58
N PRO B 180 -4.49 22.66 -28.57
CA PRO B 180 -5.22 22.19 -29.75
C PRO B 180 -4.44 21.32 -30.76
N ILE B 181 -3.13 21.13 -30.57
CA ILE B 181 -2.41 20.30 -31.53
C ILE B 181 -1.53 19.22 -30.88
N ALA B 182 -2.03 18.68 -29.76
CA ALA B 182 -1.33 17.63 -28.99
C ALA B 182 -1.24 16.30 -29.76
N GLY B 183 -0.01 15.99 -30.20
CA GLY B 183 0.25 14.77 -30.96
C GLY B 183 -0.30 14.77 -32.37
N VAL B 184 -0.15 15.89 -33.07
CA VAL B 184 -0.64 16.02 -34.44
C VAL B 184 0.41 16.04 -35.55
N ALA B 185 -0.05 15.72 -36.75
CA ALA B 185 0.78 15.71 -37.94
C ALA B 185 0.99 17.15 -38.33
N PRO B 186 2.14 17.48 -38.95
CA PRO B 186 2.44 18.85 -39.37
C PRO B 186 1.30 19.50 -40.13
N GLY B 187 0.67 18.74 -41.02
CA GLY B 187 -0.46 19.23 -41.81
C GLY B 187 -1.73 19.35 -40.99
N LEU B 188 -1.73 18.69 -39.84
CA LEU B 188 -2.84 18.75 -38.91
C LEU B 188 -2.53 19.99 -38.09
N ALA B 189 -1.28 20.08 -37.61
CA ALA B 189 -0.80 21.23 -36.85
C ALA B 189 -1.00 22.50 -37.67
N HIS B 190 -0.65 22.44 -38.96
CA HIS B 190 -0.81 23.56 -39.88
C HIS B 190 -2.28 23.85 -40.16
N ASP B 191 -3.08 22.79 -40.22
CA ASP B 191 -4.51 22.91 -40.48
C ASP B 191 -5.14 23.97 -39.57
N ILE B 192 -5.12 23.67 -38.27
CA ILE B 192 -5.67 24.50 -37.19
C ILE B 192 -5.06 25.91 -37.07
N PHE B 193 -3.76 26.02 -37.31
CA PHE B 193 -3.10 27.32 -37.20
C PHE B 193 -3.27 28.22 -38.41
N ASN B 194 -3.50 27.62 -39.58
CA ASN B 194 -3.74 28.40 -40.77
C ASN B 194 -5.04 29.11 -40.47
N HIS B 195 -6.01 28.34 -39.99
CA HIS B 195 -7.34 28.84 -39.63
C HIS B 195 -7.26 29.89 -38.53
N VAL B 196 -6.35 29.69 -37.59
CA VAL B 196 -6.13 30.62 -36.50
C VAL B 196 -5.60 31.98 -37.02
N LEU B 197 -4.74 31.93 -38.03
CA LEU B 197 -4.18 33.15 -38.60
C LEU B 197 -5.21 33.97 -39.37
N GLU B 198 -6.21 33.28 -39.91
CA GLU B 198 -7.30 33.91 -40.64
C GLU B 198 -8.19 34.54 -39.59
N LEU B 199 -8.21 33.87 -38.45
CA LEU B 199 -8.99 34.32 -37.31
C LEU B 199 -8.31 35.53 -36.66
N LYS B 200 -7.03 35.73 -36.96
CA LYS B 200 -6.26 36.88 -36.42
C LYS B 200 -6.54 38.17 -37.19
N ALA B 201 -6.81 38.02 -38.50
CA ALA B 201 -7.11 39.14 -39.37
C ALA B 201 -8.36 39.84 -38.91
N LYS B 202 -9.44 39.07 -38.76
CA LYS B 202 -10.75 39.56 -38.32
C LYS B 202 -10.65 40.44 -37.07
N GLY B 203 -9.80 40.04 -36.12
CA GLY B 203 -9.62 40.80 -34.91
C GLY B 203 -9.64 39.89 -33.69
N ILE B 204 -9.59 38.58 -33.92
CA ILE B 204 -9.61 37.62 -32.81
C ILE B 204 -8.22 37.34 -32.23
N THR B 205 -8.06 37.62 -30.94
CA THR B 205 -6.82 37.35 -30.24
C THR B 205 -6.91 35.92 -29.69
N PHE B 206 -5.79 35.20 -29.70
CA PHE B 206 -5.78 33.82 -29.22
C PHE B 206 -4.77 33.64 -28.10
N LEU B 207 -4.98 32.60 -27.31
CA LEU B 207 -4.08 32.25 -26.23
C LEU B 207 -3.85 30.75 -26.19
N ILE B 208 -3.32 30.21 -27.28
CA ILE B 208 -3.06 28.78 -27.34
C ILE B 208 -1.96 28.42 -26.35
N ILE B 209 -2.04 27.21 -25.82
CA ILE B 209 -1.06 26.70 -24.87
C ILE B 209 -0.50 25.36 -25.38
N GLU B 210 0.82 25.20 -25.37
CA GLU B 210 1.39 23.95 -25.85
C GLU B 210 2.43 23.28 -24.93
N HIS B 211 3.05 22.24 -25.47
CA HIS B 211 4.08 21.47 -24.79
C HIS B 211 5.43 22.00 -25.29
N ARG B 212 5.60 22.02 -26.61
CA ARG B 212 6.82 22.50 -27.29
C ARG B 212 6.36 23.15 -28.59
N LEU B 213 7.15 24.07 -29.13
CA LEU B 213 6.79 24.72 -30.38
C LEU B 213 7.72 24.31 -31.52
N ASP B 214 7.14 23.82 -32.63
CA ASP B 214 7.94 23.37 -33.75
C ASP B 214 7.37 23.79 -35.10
N ILE B 215 6.47 22.98 -35.64
CA ILE B 215 5.82 23.21 -36.94
C ILE B 215 5.15 24.58 -37.11
N VAL B 216 4.26 24.90 -36.16
CA VAL B 216 3.50 26.15 -36.17
C VAL B 216 4.16 27.36 -35.51
N LEU B 217 5.49 27.39 -35.53
CA LEU B 217 6.28 28.49 -34.95
C LEU B 217 6.17 29.75 -35.81
N ASN B 218 5.85 29.53 -37.08
CA ASN B 218 5.69 30.59 -38.07
C ASN B 218 4.35 31.33 -37.85
N TYR B 219 3.61 30.86 -36.84
CA TYR B 219 2.30 31.40 -36.48
C TYR B 219 2.28 32.11 -35.12
N ILE B 220 3.41 32.12 -34.44
CA ILE B 220 3.56 32.73 -33.13
C ILE B 220 4.27 34.08 -33.22
N ASP B 221 3.94 34.98 -32.29
CA ASP B 221 4.56 36.30 -32.23
C ASP B 221 5.14 36.47 -30.83
N HIS B 222 4.27 36.58 -29.83
CA HIS B 222 4.72 36.69 -28.45
C HIS B 222 4.90 35.24 -28.02
N LEU B 223 5.62 34.99 -26.93
CA LEU B 223 5.80 33.62 -26.48
C LEU B 223 6.38 33.56 -25.08
N TYR B 224 5.89 32.59 -24.32
CA TYR B 224 6.33 32.39 -22.95
C TYR B 224 6.74 30.95 -22.80
N VAL B 225 7.55 30.67 -21.79
CA VAL B 225 8.01 29.31 -21.51
C VAL B 225 7.94 29.12 -20.01
N MET B 226 6.90 28.42 -19.58
CA MET B 226 6.63 28.16 -18.17
C MET B 226 7.41 27.08 -17.45
N PHE B 227 7.67 27.33 -16.17
CA PHE B 227 8.33 26.38 -15.28
C PHE B 227 8.25 26.75 -13.81
N ASN B 228 7.44 25.98 -13.08
CA ASN B 228 7.18 26.10 -11.63
C ASN B 228 6.08 27.09 -11.28
N GLY B 229 5.28 27.47 -12.30
CA GLY B 229 4.22 28.43 -12.09
C GLY B 229 4.77 29.77 -12.48
N GLN B 230 6.09 29.80 -12.64
CA GLN B 230 6.80 31.00 -13.04
C GLN B 230 7.18 30.81 -14.51
N ILE B 231 7.18 31.90 -15.25
CA ILE B 231 7.56 31.89 -16.66
C ILE B 231 9.09 32.00 -16.59
N ILE B 232 9.82 31.20 -17.37
CA ILE B 232 11.28 31.27 -17.34
C ILE B 232 11.90 31.84 -18.62
N ALA B 233 11.07 32.47 -19.44
CA ALA B 233 11.49 33.09 -20.70
C ALA B 233 10.30 33.74 -21.39
N GLU B 234 10.58 34.71 -22.27
CA GLU B 234 9.55 35.43 -22.99
C GLU B 234 10.14 36.15 -24.21
N GLY B 235 9.68 35.78 -25.41
CA GLY B 235 10.20 36.39 -26.63
C GLY B 235 9.13 36.96 -27.53
N ARG B 236 9.24 38.25 -27.85
CA ARG B 236 8.28 38.92 -28.73
C ARG B 236 8.84 39.10 -30.15
N GLY B 237 8.18 38.50 -31.15
CA GLY B 237 8.62 38.61 -32.53
C GLY B 237 9.30 37.36 -33.09
N GLU B 238 9.62 37.37 -34.37
CA GLU B 238 10.26 36.20 -34.98
C GLU B 238 11.68 35.94 -34.46
N GLU B 239 12.56 36.90 -34.67
CA GLU B 239 13.95 36.80 -34.22
C GLU B 239 14.01 36.40 -32.74
N GLU B 240 13.37 37.18 -31.87
CA GLU B 240 13.36 36.90 -30.42
C GLU B 240 12.86 35.52 -30.04
N ILE B 241 11.73 35.08 -30.62
CA ILE B 241 11.16 33.75 -30.34
C ILE B 241 12.17 32.65 -30.67
N LYS B 242 12.80 32.75 -31.84
CA LYS B 242 13.78 31.77 -32.31
C LYS B 242 15.03 31.63 -31.44
N ASN B 243 15.37 32.70 -30.72
CA ASN B 243 16.52 32.70 -29.82
C ASN B 243 16.08 32.23 -28.44
N VAL B 244 14.77 32.22 -28.23
CA VAL B 244 14.19 31.76 -26.98
C VAL B 244 13.86 30.27 -27.12
N LEU B 245 13.53 29.85 -28.34
CA LEU B 245 13.21 28.45 -28.65
C LEU B 245 14.50 27.66 -28.72
N SER B 246 15.60 28.39 -28.90
CA SER B 246 16.95 27.83 -28.99
C SER B 246 17.77 28.22 -27.74
N ASP B 247 17.05 28.69 -26.72
CA ASP B 247 17.61 29.14 -25.45
C ASP B 247 18.18 28.01 -24.59
N PRO B 248 19.22 28.30 -23.78
CA PRO B 248 19.88 27.34 -22.89
C PRO B 248 19.05 26.88 -21.68
N LYS B 249 18.56 27.81 -20.90
CA LYS B 249 17.75 27.50 -19.70
C LYS B 249 16.33 27.01 -20.01
N VAL B 250 16.03 26.89 -21.30
CA VAL B 250 14.72 26.45 -21.76
C VAL B 250 14.74 24.98 -22.16
N VAL B 251 15.79 24.56 -22.85
CA VAL B 251 15.96 23.19 -23.33
C VAL B 251 16.18 22.19 -22.19
N GLU B 252 17.03 22.57 -21.25
CA GLU B 252 17.42 21.78 -20.09
C GLU B 252 16.32 21.38 -19.09
N ILE B 253 15.10 21.89 -19.29
CA ILE B 253 14.00 21.59 -18.37
C ILE B 253 13.11 20.39 -18.69
N TYR B 254 13.00 20.06 -19.97
CA TYR B 254 12.20 18.92 -20.43
C TYR B 254 12.90 17.61 -20.08
N ILE B 255 14.23 17.70 -19.93
CA ILE B 255 15.11 16.58 -19.61
C ILE B 255 14.42 15.50 -18.77
N GLY B 256 14.10 14.40 -19.45
CA GLY B 256 13.43 13.29 -18.82
C GLY B 256 12.53 12.56 -19.79
N THR C 4 -35.28 -39.56 15.49
CA THR C 4 -33.87 -39.39 15.18
C THR C 4 -33.65 -39.47 13.67
N MET C 5 -32.42 -39.20 13.24
CA MET C 5 -32.05 -39.24 11.83
C MET C 5 -30.75 -40.01 11.63
N GLU C 6 -30.74 -40.91 10.66
CA GLU C 6 -29.55 -41.69 10.38
C GLU C 6 -28.44 -40.81 9.85
N ILE C 7 -27.28 -40.88 10.49
CA ILE C 7 -26.14 -40.07 10.08
C ILE C 7 -25.13 -40.86 9.21
N LEU C 8 -24.61 -41.97 9.71
CA LEU C 8 -23.64 -42.76 8.94
C LEU C 8 -24.17 -44.15 8.54
N ARG C 9 -23.48 -44.80 7.62
CA ARG C 9 -23.86 -46.14 7.16
C ARG C 9 -22.89 -46.70 6.13
N THR C 10 -22.82 -48.03 6.06
CA THR C 10 -21.95 -48.70 5.09
C THR C 10 -22.77 -49.74 4.34
N GLU C 11 -22.46 -49.89 3.06
CA GLU C 11 -23.16 -50.82 2.20
C GLU C 11 -22.26 -51.90 1.68
N ASN C 12 -22.49 -53.13 2.14
CA ASN C 12 -21.69 -54.28 1.72
C ASN C 12 -20.23 -53.93 1.52
N ILE C 13 -19.67 -53.23 2.49
CA ILE C 13 -18.27 -52.83 2.41
C ILE C 13 -17.39 -54.07 2.43
N VAL C 14 -16.46 -54.11 1.47
CA VAL C 14 -15.50 -55.21 1.35
C VAL C 14 -14.13 -54.54 1.12
N LYS C 15 -13.10 -55.08 1.77
CA LYS C 15 -11.75 -54.58 1.65
C LYS C 15 -10.81 -55.78 1.61
N TYR C 16 -9.69 -55.63 0.90
CA TYR C 16 -8.71 -56.71 0.75
C TYR C 16 -7.31 -56.37 1.24
N PHE C 17 -6.53 -57.44 1.42
CA PHE C 17 -5.13 -57.43 1.85
C PHE C 17 -4.59 -58.71 1.22
N GLY C 18 -4.41 -58.67 -0.10
CA GLY C 18 -3.94 -59.80 -0.89
C GLY C 18 -5.12 -60.67 -1.32
N GLU C 19 -4.91 -61.99 -1.38
CA GLU C 19 -5.98 -62.93 -1.74
C GLU C 19 -6.82 -63.20 -0.47
N PHE C 20 -6.82 -62.24 0.43
CA PHE C 20 -7.50 -62.33 1.72
C PHE C 20 -8.58 -61.26 1.87
N LYS C 21 -9.80 -61.68 2.19
CA LYS C 21 -10.91 -60.74 2.34
C LYS C 21 -10.98 -60.14 3.76
N ALA C 22 -10.34 -58.99 3.94
CA ALA C 22 -10.32 -58.30 5.24
C ALA C 22 -11.74 -58.00 5.76
N LEU C 23 -12.56 -57.45 4.87
CA LEU C 23 -13.94 -57.11 5.19
C LEU C 23 -14.84 -57.89 4.23
N ASP C 24 -15.75 -58.67 4.79
CA ASP C 24 -16.64 -59.51 4.00
C ASP C 24 -18.13 -59.12 4.05
N GLY C 25 -18.52 -58.17 3.20
CA GLY C 25 -19.91 -57.73 3.12
C GLY C 25 -20.50 -56.94 4.28
N VAL C 26 -19.64 -56.27 5.04
CA VAL C 26 -20.04 -55.47 6.20
C VAL C 26 -21.04 -54.36 5.80
N SER C 27 -22.30 -54.55 6.20
CA SER C 27 -23.37 -53.60 5.86
C SER C 27 -24.05 -53.00 7.10
N ILE C 28 -23.25 -52.36 7.95
CA ILE C 28 -23.77 -51.75 9.16
C ILE C 28 -24.67 -50.54 8.85
N SER C 29 -24.98 -49.76 9.88
CA SER C 29 -25.83 -48.55 9.80
C SER C 29 -25.72 -47.80 11.14
N VAL C 30 -24.97 -46.70 11.16
CA VAL C 30 -24.79 -45.91 12.38
C VAL C 30 -25.87 -44.88 12.59
N CYS C 31 -26.32 -44.80 13.82
CA CYS C 31 -27.38 -43.89 14.22
C CYS C 31 -26.93 -42.90 15.27
N LYS C 32 -28.16 -40.11 14.61
CA LYS C 32 -27.42 -39.04 15.26
C LYS C 32 -27.54 -39.14 16.78
N GLY C 33 -26.40 -39.05 17.48
CA GLY C 33 -26.40 -39.10 18.94
C GLY C 33 -25.96 -40.38 19.63
N ASP C 34 -26.34 -41.53 19.09
CA ASP C 34 -26.00 -42.84 19.63
C ASP C 34 -24.52 -43.02 19.97
N VAL C 35 -24.21 -44.16 20.57
CA VAL C 35 -22.84 -44.53 20.94
C VAL C 35 -22.57 -45.95 20.38
N THR C 36 -22.59 -46.07 19.05
CA THR C 36 -22.38 -47.34 18.39
C THR C 36 -21.00 -47.87 18.66
N LEU C 37 -20.94 -49.07 19.22
CA LEU C 37 -19.69 -49.72 19.54
C LEU C 37 -19.64 -51.05 18.83
N ILE C 38 -18.50 -51.34 18.20
CA ILE C 38 -18.30 -52.59 17.48
C ILE C 38 -17.34 -53.45 18.30
N ILE C 39 -17.71 -54.70 18.52
CA ILE C 39 -16.90 -55.60 19.31
C ILE C 39 -16.54 -56.85 18.52
N GLY C 40 -15.42 -57.46 18.88
CA GLY C 40 -14.98 -58.66 18.18
C GLY C 40 -13.56 -58.99 18.55
N PRO C 41 -13.16 -60.26 18.45
CA PRO C 41 -11.80 -60.72 18.77
C PRO C 41 -10.71 -60.08 17.91
N ASN C 42 -9.46 -60.29 18.29
CA ASN C 42 -8.33 -59.76 17.55
C ASN C 42 -8.24 -60.45 16.19
N GLY C 43 -8.66 -59.75 15.14
CA GLY C 43 -8.63 -60.30 13.80
C GLY C 43 -9.96 -60.10 13.09
N SER C 44 -10.96 -59.68 13.84
CA SER C 44 -12.31 -59.44 13.33
C SER C 44 -12.42 -58.37 12.23
N GLY C 45 -11.34 -57.60 12.03
CA GLY C 45 -11.34 -56.58 11.01
C GLY C 45 -12.15 -55.35 11.38
N LYS C 46 -11.99 -54.92 12.64
CA LYS C 46 -12.68 -53.76 13.17
C LYS C 46 -11.89 -52.51 12.87
N SER C 47 -10.57 -52.57 13.05
CA SER C 47 -9.68 -51.44 12.77
C SER C 47 -9.75 -51.04 11.28
N THR C 48 -10.02 -52.03 10.44
CA THR C 48 -10.13 -51.85 8.99
C THR C 48 -11.40 -51.11 8.60
N LEU C 49 -12.55 -51.57 9.11
CA LEU C 49 -13.85 -50.96 8.79
C LEU C 49 -13.76 -49.45 8.94
N ILE C 50 -12.99 -49.01 9.92
CA ILE C 50 -12.78 -47.60 10.24
C ILE C 50 -11.81 -46.87 9.32
N ASN C 51 -10.59 -47.38 9.15
CA ASN C 51 -9.60 -46.74 8.28
C ASN C 51 -10.27 -46.55 6.94
N VAL C 52 -11.14 -47.48 6.59
CA VAL C 52 -11.88 -47.44 5.34
C VAL C 52 -12.95 -46.36 5.39
N ILE C 53 -13.69 -46.31 6.49
CA ILE C 53 -14.76 -45.31 6.70
C ILE C 53 -14.21 -43.90 6.89
N THR C 54 -12.94 -43.78 7.24
CA THR C 54 -12.34 -42.46 7.45
C THR C 54 -11.27 -42.05 6.46
N GLY C 55 -11.09 -42.82 5.39
CA GLY C 55 -10.12 -42.50 4.35
C GLY C 55 -8.68 -42.94 4.49
N PHE C 56 -8.43 -43.93 5.33
CA PHE C 56 -7.08 -44.45 5.53
C PHE C 56 -6.92 -45.78 4.81
N LEU C 57 -8.00 -46.25 4.20
CA LEU C 57 -8.07 -47.50 3.43
C LEU C 57 -9.27 -47.49 2.46
N LYS C 58 -9.00 -47.26 1.19
CA LYS C 58 -10.03 -47.24 0.16
C LYS C 58 -10.78 -48.59 0.08
N ALA C 59 -12.10 -48.52 -0.14
CA ALA C 59 -12.92 -49.73 -0.21
C ALA C 59 -12.89 -50.41 -1.60
N ASP C 60 -12.65 -51.71 -1.58
CA ASP C 60 -12.58 -52.55 -2.78
C ASP C 60 -13.97 -52.90 -3.29
N GLU C 61 -14.98 -52.47 -2.55
CA GLU C 61 -16.37 -52.72 -2.91
C GLU C 61 -17.19 -52.13 -1.78
N GLY C 62 -18.34 -51.54 -2.12
CA GLY C 62 -19.19 -50.95 -1.10
C GLY C 62 -19.20 -49.43 -1.07
N ARG C 63 -19.91 -48.85 -0.11
CA ARG C 63 -20.02 -47.38 0.03
C ARG C 63 -20.21 -46.94 1.48
N VAL C 64 -19.90 -45.69 1.76
CA VAL C 64 -20.06 -45.08 3.09
C VAL C 64 -20.86 -43.81 2.82
N TYR C 65 -21.90 -43.56 3.60
CA TYR C 65 -22.75 -42.38 3.39
C TYR C 65 -22.91 -41.47 4.60
N PHE C 66 -22.00 -40.51 4.78
CA PHE C 66 -22.13 -39.58 5.91
C PHE C 66 -23.23 -38.59 5.56
N GLU C 67 -24.39 -38.80 6.18
CA GLU C 67 -25.55 -37.95 5.92
C GLU C 67 -25.84 -38.01 4.43
N ASN C 68 -26.13 -39.22 3.95
CA ASN C 68 -26.44 -39.49 2.54
C ASN C 68 -25.27 -39.40 1.56
N LYS C 69 -24.66 -38.22 1.46
CA LYS C 69 -23.55 -37.96 0.57
C LYS C 69 -22.55 -39.12 0.55
N ASP C 70 -22.11 -39.53 -0.63
CA ASP C 70 -21.16 -40.64 -0.76
C ASP C 70 -19.74 -40.25 -0.33
N ILE C 71 -19.43 -40.50 0.93
CA ILE C 71 -18.12 -40.17 1.46
C ILE C 71 -17.15 -41.34 1.26
N THR C 72 -17.38 -42.11 0.21
CA THR C 72 -16.51 -43.24 -0.07
C THR C 72 -15.19 -42.73 -0.62
N ASN C 73 -14.11 -43.38 -0.22
CA ASN C 73 -12.76 -43.05 -0.67
C ASN C 73 -12.34 -41.58 -0.52
N LYS C 74 -13.01 -40.85 0.36
CA LYS C 74 -12.66 -39.45 0.59
C LYS C 74 -11.48 -39.36 1.55
N GLU C 75 -10.38 -38.79 1.09
CA GLU C 75 -9.20 -38.63 1.93
C GLU C 75 -9.61 -37.87 3.20
N PRO C 76 -9.00 -38.20 4.36
CA PRO C 76 -9.34 -37.53 5.62
C PRO C 76 -9.26 -36.01 5.46
N ALA C 77 -8.58 -35.59 4.40
CA ALA C 77 -8.38 -34.18 4.07
C ALA C 77 -9.71 -33.49 3.71
N GLU C 78 -10.63 -34.28 3.15
CA GLU C 78 -11.94 -33.80 2.72
C GLU C 78 -13.03 -34.06 3.75
N LEU C 79 -12.99 -35.23 4.36
CA LEU C 79 -13.98 -35.63 5.36
C LEU C 79 -14.17 -34.64 6.52
N TYR C 80 -13.10 -33.96 6.88
CA TYR C 80 -13.15 -32.97 7.94
C TYR C 80 -14.21 -31.91 7.59
N HIS C 81 -14.48 -31.75 6.30
CA HIS C 81 -15.47 -30.78 5.83
C HIS C 81 -16.89 -31.32 5.98
N TYR C 82 -17.01 -32.61 6.23
CA TYR C 82 -18.29 -33.24 6.43
C TYR C 82 -18.64 -33.11 7.90
N GLY C 83 -17.68 -33.52 8.74
CA GLY C 83 -17.86 -33.50 10.18
C GLY C 83 -17.60 -34.93 10.61
N ILE C 84 -16.42 -35.41 10.23
CA ILE C 84 -15.97 -36.77 10.53
C ILE C 84 -14.50 -36.72 10.92
N VAL C 85 -14.25 -36.73 12.23
CA VAL C 85 -12.88 -36.75 12.73
C VAL C 85 -12.59 -38.21 13.14
N ARG C 86 -11.50 -38.42 13.86
CA ARG C 86 -11.08 -39.73 14.29
C ARG C 86 -9.96 -39.50 15.27
N THR C 87 -9.81 -40.39 16.24
CA THR C 87 -8.72 -40.25 17.20
C THR C 87 -7.58 -41.18 16.78
N PHE C 88 -6.37 -40.82 17.16
CA PHE C 88 -5.18 -41.61 16.83
C PHE C 88 -4.35 -41.74 18.11
N GLN C 89 -3.66 -42.86 18.26
CA GLN C 89 -2.83 -43.07 19.44
C GLN C 89 -1.59 -42.19 19.34
N THR C 90 -1.47 -41.28 20.29
CA THR C 90 -0.37 -40.34 20.36
C THR C 90 1.02 -40.96 20.31
N PRO C 91 1.82 -40.59 19.27
CA PRO C 91 3.20 -41.05 19.01
C PRO C 91 4.17 -40.62 20.12
N GLN C 92 5.47 -40.72 19.85
CA GLN C 92 6.51 -40.35 20.83
C GLN C 92 7.03 -38.91 20.88
N PRO C 93 7.38 -38.31 19.72
CA PRO C 93 7.88 -36.92 19.73
C PRO C 93 6.91 -35.90 20.34
N LEU C 94 5.62 -36.15 20.14
CA LEU C 94 4.57 -35.28 20.67
C LEU C 94 4.66 -35.22 22.18
N LYS C 95 4.90 -36.37 22.80
CA LYS C 95 5.03 -36.49 24.25
C LYS C 95 6.08 -35.50 24.79
N GLU C 96 6.90 -34.97 23.88
CA GLU C 96 7.91 -34.01 24.27
C GLU C 96 7.46 -32.57 24.09
N MET C 97 6.14 -32.37 24.16
CA MET C 97 5.53 -31.04 24.06
C MET C 97 4.47 -31.06 25.15
N THR C 98 4.02 -29.90 25.59
CA THR C 98 3.00 -29.86 26.65
C THR C 98 1.62 -30.32 26.17
N VAL C 99 0.75 -30.57 27.14
CA VAL C 99 -0.63 -31.01 26.90
C VAL C 99 -1.37 -30.00 26.02
N LEU C 100 -0.94 -28.75 26.08
CA LEU C 100 -1.55 -27.68 25.29
C LEU C 100 -1.13 -27.82 23.84
N GLU C 101 0.19 -27.80 23.61
CA GLU C 101 0.78 -27.93 22.30
C GLU C 101 0.20 -29.16 21.59
N ASN C 102 -0.13 -30.18 22.37
CA ASN C 102 -0.73 -31.41 21.84
C ASN C 102 -2.11 -31.12 21.28
N LEU C 103 -2.73 -30.02 21.72
CA LEU C 103 -4.05 -29.64 21.24
C LEU C 103 -3.96 -28.68 20.07
N LEU C 104 -3.04 -27.72 20.16
CA LEU C 104 -2.84 -26.71 19.11
C LEU C 104 -2.50 -27.33 17.74
N ILE C 105 -2.10 -28.59 17.74
CA ILE C 105 -1.77 -29.28 16.49
C ILE C 105 -2.99 -29.99 15.90
N GLY C 106 -4.10 -29.95 16.62
CA GLY C 106 -5.33 -30.55 16.12
C GLY C 106 -5.96 -29.59 15.14
N GLU C 107 -5.58 -28.32 15.27
CA GLU C 107 -6.03 -27.23 14.42
C GLU C 107 -5.12 -27.12 13.19
N ILE C 108 -3.90 -27.67 13.31
CA ILE C 108 -2.92 -27.65 12.23
C ILE C 108 -3.41 -28.51 11.05
N ASN C 109 -3.20 -29.83 11.14
CA ASN C 109 -3.67 -30.72 10.08
C ASN C 109 -4.92 -31.44 10.58
N PRO C 110 -6.11 -30.87 10.29
CA PRO C 110 -7.40 -31.44 10.71
C PRO C 110 -7.71 -32.78 10.05
N GLY C 111 -8.06 -33.77 10.87
CA GLY C 111 -8.37 -35.10 10.37
C GLY C 111 -7.12 -35.92 10.10
N GLU C 112 -5.99 -35.22 9.97
CA GLU C 112 -4.69 -35.82 9.72
C GLU C 112 -3.98 -36.10 11.04
N SER C 113 -3.49 -37.32 11.18
CA SER C 113 -2.78 -37.84 12.35
C SER C 113 -1.88 -36.88 13.15
N PRO C 114 -1.50 -37.29 14.38
CA PRO C 114 -0.63 -36.49 15.28
C PRO C 114 0.79 -36.32 14.72
N LEU C 115 1.07 -37.03 13.62
CA LEU C 115 2.37 -36.97 12.96
C LEU C 115 2.49 -35.67 12.16
N ASN C 116 1.75 -35.64 11.05
CA ASN C 116 1.71 -34.52 10.11
C ASN C 116 1.61 -33.12 10.71
N SER C 117 0.64 -32.92 11.60
CA SER C 117 0.43 -31.63 12.25
C SER C 117 1.72 -31.03 12.84
N LEU C 118 2.56 -31.89 13.40
CA LEU C 118 3.85 -31.49 14.00
C LEU C 118 4.94 -31.35 12.93
N PHE C 119 4.69 -31.92 11.75
CA PHE C 119 5.65 -31.86 10.64
C PHE C 119 5.44 -30.73 9.62
N TYR C 120 4.85 -29.63 10.09
CA TYR C 120 4.59 -28.43 9.29
C TYR C 120 4.59 -27.25 10.26
N LYS C 121 4.55 -27.57 11.55
CA LYS C 121 4.55 -26.61 12.64
C LYS C 121 5.98 -26.16 12.98
N LYS C 122 6.20 -24.85 12.96
CA LYS C 122 7.50 -24.25 13.26
C LYS C 122 7.48 -23.65 14.67
N TRP C 123 7.10 -22.38 14.79
CA TRP C 123 7.00 -21.73 16.08
C TRP C 123 5.59 -21.93 16.60
N ILE C 124 5.45 -22.05 17.92
CA ILE C 124 4.15 -22.29 18.57
C ILE C 124 3.02 -21.32 18.23
N PRO C 125 1.91 -21.87 17.71
CA PRO C 125 0.71 -21.12 17.31
C PRO C 125 -0.06 -20.57 18.51
N LYS C 126 0.22 -19.32 18.85
CA LYS C 126 -0.44 -18.67 19.97
C LYS C 126 -1.65 -17.88 19.54
N GLU C 127 -2.50 -18.51 18.73
CA GLU C 127 -3.70 -17.84 18.24
C GLU C 127 -4.76 -17.58 19.31
N GLU C 128 -5.90 -17.05 18.87
CA GLU C 128 -6.97 -16.72 19.79
C GLU C 128 -7.95 -17.83 20.11
N GLU C 129 -8.65 -18.34 19.10
CA GLU C 129 -9.63 -19.39 19.37
C GLU C 129 -9.04 -20.76 19.67
N MET C 130 -7.73 -20.90 19.66
CA MET C 130 -7.11 -22.16 20.03
C MET C 130 -6.70 -22.03 21.50
N VAL C 131 -6.99 -20.85 22.06
CA VAL C 131 -6.74 -20.50 23.44
C VAL C 131 -8.11 -20.07 23.98
N GLU C 132 -9.10 -20.21 23.11
CA GLU C 132 -10.51 -19.88 23.34
C GLU C 132 -11.31 -21.13 22.93
N LYS C 133 -10.59 -22.20 22.60
CA LYS C 133 -11.21 -23.46 22.18
C LYS C 133 -10.27 -24.66 22.35
N ALA C 134 -9.27 -24.53 23.22
CA ALA C 134 -8.33 -25.62 23.50
C ALA C 134 -8.31 -25.73 25.00
N PHE C 135 -8.59 -24.60 25.64
CA PHE C 135 -8.66 -24.50 27.06
C PHE C 135 -10.12 -24.68 27.40
N LYS C 136 -10.96 -24.41 26.40
CA LYS C 136 -12.39 -24.60 26.54
C LYS C 136 -12.53 -26.12 26.69
N ILE C 137 -11.69 -26.84 25.93
CA ILE C 137 -11.65 -28.30 25.94
C ILE C 137 -10.99 -28.84 27.19
N LEU C 138 -9.71 -28.49 27.40
CA LEU C 138 -8.96 -28.91 28.57
C LEU C 138 -9.79 -28.69 29.83
N GLU C 139 -10.61 -27.63 29.80
CA GLU C 139 -11.48 -27.27 30.92
C GLU C 139 -12.59 -28.31 31.09
N PHE C 140 -13.20 -28.73 29.97
CA PHE C 140 -14.28 -29.72 29.97
C PHE C 140 -13.79 -31.02 30.60
N LEU C 141 -12.57 -31.41 30.24
CA LEU C 141 -11.95 -32.62 30.73
C LEU C 141 -11.33 -32.33 32.10
N LYS C 142 -11.61 -31.14 32.62
CA LYS C 142 -11.09 -30.67 33.91
C LYS C 142 -9.60 -30.34 33.82
N LEU C 143 -8.93 -30.99 32.86
CA LEU C 143 -7.49 -30.90 32.62
C LEU C 143 -6.77 -29.58 32.46
N SER C 144 -7.46 -28.46 32.69
CA SER C 144 -6.83 -27.14 32.57
C SER C 144 -5.60 -27.00 33.48
N HIS C 145 -5.51 -27.89 34.46
CA HIS C 145 -4.42 -27.89 35.43
C HIS C 145 -3.12 -28.43 34.85
N LEU C 146 -3.22 -29.36 33.91
CA LEU C 146 -2.03 -29.94 33.31
C LEU C 146 -1.70 -29.37 31.94
N TYR C 147 -2.43 -28.34 31.51
CA TYR C 147 -2.23 -27.73 30.19
C TYR C 147 -0.77 -27.56 29.80
N ASP C 148 0.05 -27.15 30.77
CA ASP C 148 1.48 -26.93 30.54
C ASP C 148 2.35 -28.13 30.90
N ARG C 149 1.72 -29.16 31.47
CA ARG C 149 2.43 -30.40 31.80
C ARG C 149 2.67 -31.01 30.44
N LYS C 150 3.75 -31.79 30.27
CA LYS C 150 4.00 -32.41 28.97
C LYS C 150 2.99 -33.53 28.71
N ALA C 151 3.22 -34.30 27.65
CA ALA C 151 2.33 -35.38 27.31
C ALA C 151 2.84 -36.66 27.96
N GLY C 152 4.15 -36.88 27.86
CA GLY C 152 4.72 -38.08 28.47
C GLY C 152 4.45 -38.08 29.95
N GLU C 153 4.68 -36.93 30.57
CA GLU C 153 4.47 -36.74 32.00
C GLU C 153 2.98 -36.79 32.37
N LEU C 154 2.20 -37.57 31.61
CA LEU C 154 0.77 -37.74 31.80
C LEU C 154 0.35 -39.17 32.08
N SER C 155 -0.69 -39.32 32.89
CA SER C 155 -1.22 -40.65 33.21
C SER C 155 -1.85 -41.24 31.96
N GLY C 156 -1.75 -42.57 31.83
CA GLY C 156 -2.32 -43.24 30.66
C GLY C 156 -3.70 -42.68 30.29
N GLY C 157 -4.62 -42.74 31.24
CA GLY C 157 -5.97 -42.23 31.03
C GLY C 157 -6.05 -40.75 30.71
N GLN C 158 -5.11 -39.95 31.22
CA GLN C 158 -5.11 -38.52 30.92
C GLN C 158 -4.66 -38.29 29.49
N MET C 159 -3.83 -39.22 28.99
CA MET C 159 -3.33 -39.18 27.61
C MET C 159 -4.47 -39.54 26.65
N LYS C 160 -5.44 -40.32 27.14
CA LYS C 160 -6.59 -40.75 26.34
C LYS C 160 -7.66 -39.67 26.16
N LEU C 161 -7.58 -38.60 26.96
CA LEU C 161 -8.51 -37.47 26.91
C LEU C 161 -7.92 -36.42 25.97
N VAL C 162 -6.61 -36.25 26.10
CA VAL C 162 -5.84 -35.32 25.27
C VAL C 162 -5.85 -35.77 23.81
N GLU C 163 -6.17 -37.04 23.59
CA GLU C 163 -6.27 -37.59 22.24
C GLU C 163 -7.64 -37.23 21.69
N ILE C 164 -8.63 -37.12 22.59
CA ILE C 164 -10.00 -36.75 22.23
C ILE C 164 -10.04 -35.24 22.04
N GLY C 165 -9.34 -34.55 22.94
CA GLY C 165 -9.27 -33.10 22.89
C GLY C 165 -8.91 -32.70 21.48
N ARG C 166 -7.75 -33.17 21.01
CA ARG C 166 -7.25 -32.90 19.66
C ARG C 166 -8.38 -32.97 18.64
N ALA C 167 -9.09 -34.10 18.66
CA ALA C 167 -10.22 -34.38 17.75
C ALA C 167 -11.37 -33.38 17.91
N LEU C 168 -11.58 -32.91 19.14
CA LEU C 168 -12.62 -31.94 19.45
C LEU C 168 -12.30 -30.54 18.95
N MET C 169 -11.01 -30.27 18.72
CA MET C 169 -10.55 -28.97 18.22
C MET C 169 -11.11 -28.70 16.83
N THR C 170 -11.32 -29.76 16.06
CA THR C 170 -11.86 -29.63 14.71
C THR C 170 -13.40 -29.57 14.69
N ASN C 171 -14.02 -29.34 15.85
CA ASN C 171 -15.48 -29.25 16.01
C ASN C 171 -16.23 -30.31 15.20
N PRO C 172 -16.11 -31.58 15.60
CA PRO C 172 -16.79 -32.66 14.87
C PRO C 172 -18.27 -32.92 15.18
N LYS C 173 -18.87 -33.77 14.33
CA LYS C 173 -20.26 -34.19 14.44
C LYS C 173 -20.16 -35.65 14.87
N MET C 174 -19.16 -36.33 14.32
CA MET C 174 -18.91 -37.73 14.64
C MET C 174 -17.43 -37.93 15.02
N ILE C 175 -17.19 -38.96 15.84
CA ILE C 175 -15.84 -39.28 16.28
C ILE C 175 -15.62 -40.78 16.30
N VAL C 176 -14.47 -41.21 15.78
CA VAL C 176 -14.13 -42.63 15.74
C VAL C 176 -13.03 -42.93 16.76
N MET C 177 -13.17 -44.04 17.50
CA MET C 177 -12.19 -44.40 18.52
C MET C 177 -11.89 -45.91 18.60
N ASP C 178 -10.66 -46.29 18.27
CA ASP C 178 -10.24 -47.69 18.29
C ASP C 178 -9.66 -48.18 19.61
N GLU C 179 -10.46 -48.95 20.34
CA GLU C 179 -10.06 -49.51 21.63
C GLU C 179 -9.63 -48.41 22.61
N PRO C 180 -10.53 -47.45 22.89
CA PRO C 180 -10.19 -46.36 23.82
C PRO C 180 -10.07 -46.89 25.26
N ILE C 181 -11.15 -47.46 25.79
CA ILE C 181 -11.13 -47.98 27.16
C ILE C 181 -10.34 -49.30 27.30
N ALA C 182 -9.49 -49.59 26.33
CA ALA C 182 -8.67 -50.80 26.35
C ALA C 182 -7.43 -50.45 27.18
N GLY C 183 -6.93 -51.42 27.95
CA GLY C 183 -5.78 -51.17 28.80
C GLY C 183 -6.08 -50.35 30.04
N VAL C 184 -7.30 -49.84 30.14
CA VAL C 184 -7.70 -49.03 31.29
C VAL C 184 -8.49 -49.80 32.37
N ALA C 185 -8.44 -49.28 33.59
CA ALA C 185 -9.13 -49.85 34.73
C ALA C 185 -10.59 -49.40 34.68
N PRO C 186 -11.52 -50.21 35.24
CA PRO C 186 -12.95 -49.91 35.26
C PRO C 186 -13.38 -48.50 35.69
N GLY C 187 -12.40 -47.66 36.05
CA GLY C 187 -12.66 -46.29 36.47
C GLY C 187 -12.48 -45.31 35.33
N LEU C 188 -11.59 -45.64 34.40
CA LEU C 188 -11.34 -44.79 33.24
C LEU C 188 -12.37 -45.06 32.15
N ALA C 189 -12.73 -46.33 31.98
CA ALA C 189 -13.74 -46.73 31.00
C ALA C 189 -14.99 -45.86 31.22
N HIS C 190 -15.52 -45.93 32.44
CA HIS C 190 -16.70 -45.16 32.85
C HIS C 190 -16.44 -43.70 32.58
N ASP C 191 -15.36 -43.22 33.18
CA ASP C 191 -14.89 -41.84 33.09
C ASP C 191 -14.87 -41.29 31.65
N ILE C 192 -14.12 -41.94 30.76
CA ILE C 192 -14.03 -41.52 29.36
C ILE C 192 -15.44 -41.41 28.80
N PHE C 193 -16.25 -42.39 29.14
CA PHE C 193 -17.62 -42.45 28.70
C PHE C 193 -18.53 -41.40 29.30
N ASN C 194 -18.31 -41.05 30.56
CA ASN C 194 -19.14 -40.03 31.22
C ASN C 194 -18.86 -38.73 30.49
N HIS C 195 -17.60 -38.53 30.12
CA HIS C 195 -17.16 -37.34 29.40
C HIS C 195 -17.75 -37.39 28.00
N VAL C 196 -17.68 -38.59 27.42
CA VAL C 196 -18.23 -38.86 26.11
C VAL C 196 -19.69 -38.47 26.24
N LEU C 197 -20.40 -39.04 27.21
CA LEU C 197 -21.80 -38.71 27.45
C LEU C 197 -22.00 -37.20 27.60
N GLU C 198 -21.16 -36.55 28.41
CA GLU C 198 -21.24 -35.11 28.61
C GLU C 198 -20.99 -34.35 27.29
N LEU C 199 -20.20 -34.93 26.39
CA LEU C 199 -19.93 -34.34 25.07
C LEU C 199 -21.12 -34.68 24.19
N LYS C 200 -21.44 -35.97 24.18
CA LYS C 200 -22.53 -36.54 23.41
C LYS C 200 -23.83 -35.78 23.58
N ALA C 201 -23.93 -35.00 24.66
CA ALA C 201 -25.13 -34.24 24.96
C ALA C 201 -25.33 -33.09 23.98
N LYS C 202 -24.26 -32.36 23.74
CA LYS C 202 -24.27 -31.21 22.84
C LYS C 202 -24.71 -31.58 21.40
N GLY C 203 -24.40 -32.80 20.98
CA GLY C 203 -24.79 -33.22 19.65
C GLY C 203 -23.90 -34.27 19.03
N ILE C 204 -22.65 -34.32 19.48
CA ILE C 204 -21.67 -35.26 18.93
C ILE C 204 -22.11 -36.72 18.89
N THR C 205 -21.85 -37.36 17.75
CA THR C 205 -22.18 -38.76 17.52
C THR C 205 -20.95 -39.63 17.74
N PHE C 206 -21.12 -40.65 18.57
CA PHE C 206 -20.02 -41.53 18.89
C PHE C 206 -20.04 -42.91 18.28
N LEU C 207 -18.98 -43.20 17.53
CA LEU C 207 -18.81 -44.49 16.91
C LEU C 207 -17.54 -44.96 17.59
N ILE C 208 -17.66 -46.05 18.33
CA ILE C 208 -16.53 -46.59 19.06
C ILE C 208 -16.34 -48.06 18.73
N ILE C 209 -15.16 -48.55 19.06
CA ILE C 209 -14.83 -49.95 18.84
C ILE C 209 -14.18 -50.40 20.13
N GLU C 210 -14.35 -51.67 20.44
CA GLU C 210 -13.79 -52.25 21.63
C GLU C 210 -13.84 -53.76 21.58
N HIS C 211 -12.75 -54.37 22.02
CA HIS C 211 -12.57 -55.82 22.07
C HIS C 211 -13.87 -56.53 22.47
N ARG C 212 -14.21 -56.37 23.74
CA ARG C 212 -15.39 -56.94 24.35
C ARG C 212 -16.15 -55.80 25.03
N LEU C 213 -17.13 -56.14 25.83
CA LEU C 213 -17.91 -55.13 26.56
C LEU C 213 -18.26 -55.67 27.94
N ASP C 214 -18.41 -54.77 28.92
CA ASP C 214 -18.74 -55.21 30.27
C ASP C 214 -19.11 -54.07 31.22
N ILE C 215 -18.17 -53.15 31.41
CA ILE C 215 -18.35 -52.03 32.32
C ILE C 215 -19.29 -50.96 31.78
N VAL C 216 -18.91 -50.39 30.63
CA VAL C 216 -19.66 -49.33 29.97
C VAL C 216 -20.87 -49.87 29.20
N LEU C 217 -21.29 -51.08 29.56
CA LEU C 217 -22.40 -51.80 28.96
C LEU C 217 -23.72 -51.02 28.93
N ASN C 218 -23.77 -49.91 29.66
CA ASN C 218 -24.97 -49.07 29.71
C ASN C 218 -24.79 -47.69 29.08
N TYR C 219 -23.58 -47.41 28.61
CA TYR C 219 -23.28 -46.15 27.94
C TYR C 219 -23.61 -46.36 26.46
N ILE C 220 -23.63 -47.62 26.06
CA ILE C 220 -23.91 -48.03 24.69
C ILE C 220 -25.40 -48.13 24.39
N ASP C 221 -25.77 -47.66 23.21
CA ASP C 221 -27.15 -47.70 22.74
C ASP C 221 -27.19 -48.69 21.58
N HIS C 222 -26.43 -48.41 20.53
CA HIS C 222 -26.36 -49.31 19.37
C HIS C 222 -25.10 -50.17 19.51
N LEU C 223 -25.04 -51.29 18.79
CA LEU C 223 -23.89 -52.20 18.85
C LEU C 223 -23.88 -53.14 17.66
N TYR C 224 -22.76 -53.86 17.50
CA TYR C 224 -22.55 -54.86 16.43
C TYR C 224 -21.42 -55.77 16.83
N VAL C 225 -21.41 -56.97 16.26
CA VAL C 225 -20.35 -57.92 16.54
C VAL C 225 -19.62 -58.25 15.26
N MET C 226 -18.29 -58.25 15.33
CA MET C 226 -17.44 -58.59 14.21
C MET C 226 -16.58 -59.81 14.50
N PHE C 227 -16.70 -60.81 13.63
CA PHE C 227 -15.92 -62.03 13.71
C PHE C 227 -15.56 -62.31 12.26
N ASN C 228 -14.26 -62.28 11.98
CA ASN C 228 -13.72 -62.53 10.64
C ASN C 228 -14.24 -61.57 9.56
N GLY C 229 -14.17 -60.26 9.84
CA GLY C 229 -14.59 -59.27 8.88
C GLY C 229 -16.05 -59.33 8.47
N GLN C 230 -16.90 -59.78 9.39
CA GLN C 230 -18.33 -59.91 9.15
C GLN C 230 -19.10 -59.61 10.43
N ILE C 231 -20.19 -58.85 10.28
CA ILE C 231 -21.07 -58.53 11.39
C ILE C 231 -21.83 -59.84 11.63
N ILE C 232 -21.75 -60.37 12.86
CA ILE C 232 -22.44 -61.62 13.20
C ILE C 232 -23.50 -61.46 14.28
N ALA C 233 -23.72 -60.22 14.71
CA ALA C 233 -24.73 -59.91 15.72
C ALA C 233 -24.86 -58.39 15.92
N GLU C 234 -26.07 -57.94 16.22
CA GLU C 234 -26.36 -56.53 16.45
C GLU C 234 -27.43 -56.39 17.54
N GLY C 235 -27.30 -55.36 18.37
CA GLY C 235 -28.26 -55.13 19.43
C GLY C 235 -28.62 -53.66 19.47
N ARG C 236 -29.87 -53.35 19.77
CA ARG C 236 -30.32 -51.96 19.83
C ARG C 236 -31.10 -51.73 21.14
N GLY C 237 -30.52 -50.93 22.02
CA GLY C 237 -31.13 -50.67 23.32
C GLY C 237 -30.53 -51.68 24.28
N GLU C 238 -30.34 -51.30 25.54
CA GLU C 238 -29.75 -52.20 26.54
C GLU C 238 -30.37 -53.59 26.54
N GLU C 239 -31.70 -53.64 26.54
CA GLU C 239 -32.44 -54.90 26.54
C GLU C 239 -31.87 -55.90 25.53
N GLU C 240 -31.74 -55.48 24.28
CA GLU C 240 -31.19 -56.32 23.21
C GLU C 240 -29.68 -56.54 23.34
N ILE C 241 -28.94 -55.48 23.66
CA ILE C 241 -27.49 -55.52 23.83
C ILE C 241 -26.97 -56.62 24.77
N LYS C 242 -27.71 -56.85 25.86
CA LYS C 242 -27.34 -57.86 26.83
C LYS C 242 -27.58 -59.27 26.32
N ASN C 243 -28.69 -59.46 25.59
CA ASN C 243 -29.03 -60.77 25.03
C ASN C 243 -27.83 -61.22 24.22
N VAL C 244 -27.37 -60.33 23.35
CA VAL C 244 -26.24 -60.59 22.49
C VAL C 244 -24.98 -60.92 23.27
N LEU C 245 -24.60 -60.07 24.21
CA LEU C 245 -23.41 -60.35 25.00
C LEU C 245 -23.55 -61.73 25.64
N SER C 246 -24.75 -62.01 26.16
CA SER C 246 -25.10 -63.27 26.82
C SER C 246 -25.28 -64.44 25.87
N ASP C 247 -25.62 -64.14 24.61
CA ASP C 247 -25.82 -65.17 23.61
C ASP C 247 -24.61 -66.09 23.58
N PRO C 248 -24.84 -67.41 23.64
CA PRO C 248 -23.79 -68.43 23.61
C PRO C 248 -22.89 -68.20 22.41
N LYS C 249 -23.51 -68.01 21.25
CA LYS C 249 -22.82 -67.78 19.98
C LYS C 249 -21.92 -66.55 19.93
N VAL C 250 -21.96 -65.76 20.99
CA VAL C 250 -21.14 -64.55 21.09
C VAL C 250 -20.08 -64.75 22.17
N VAL C 251 -20.35 -65.65 23.11
CA VAL C 251 -19.40 -65.97 24.16
C VAL C 251 -18.57 -67.11 23.58
N GLU C 252 -19.16 -67.72 22.54
CA GLU C 252 -18.62 -68.85 21.79
C GLU C 252 -17.43 -68.42 20.96
N ILE C 253 -17.61 -67.37 20.17
CA ILE C 253 -16.53 -66.83 19.31
C ILE C 253 -15.34 -66.36 20.15
N TYR C 254 -15.55 -66.36 21.46
CA TYR C 254 -14.54 -65.97 22.43
C TYR C 254 -14.09 -67.17 23.27
N ILE C 255 -13.99 -68.32 22.60
CA ILE C 255 -13.57 -69.58 23.21
C ILE C 255 -12.23 -69.97 22.58
N GLY C 256 -11.14 -69.59 23.25
CA GLY C 256 -9.81 -69.90 22.74
C GLY C 256 -8.72 -69.26 23.58
MG MG D . 26.03 4.89 6.81
HG MMC E . 3.66 13.15 5.31
C MMC E . 1.76 13.48 3.36
PB ADP F . 25.09 2.33 5.83
O1B ADP F . 24.95 3.75 6.29
O2B ADP F . 26.42 1.60 6.43
O3B ADP F . 23.89 1.53 6.23
PA ADP F . 26.55 2.62 3.31
O1A ADP F . 27.78 2.30 4.03
O2A ADP F . 26.58 4.00 2.83
O3A ADP F . 25.31 2.35 4.28
O5' ADP F . 26.27 1.61 2.11
C5' ADP F . 26.18 0.21 2.35
C4' ADP F . 27.13 -0.53 1.39
O4' ADP F . 27.72 0.35 0.38
C3' ADP F . 28.32 -1.16 2.09
O3' ADP F . 28.70 -2.38 1.47
C2' ADP F . 29.38 -0.10 1.93
O2' ADP F . 30.71 -0.50 2.33
C1' ADP F . 29.15 0.20 0.48
N9 ADP F . 29.89 1.43 0.06
C8 ADP F . 29.79 2.61 0.64
N7 ADP F . 30.61 3.48 0.01
C5 ADP F . 31.22 2.83 -0.95
C6 ADP F . 32.14 3.15 -1.92
N6 ADP F . 32.61 4.41 -2.00
N1 ADP F . 32.56 2.21 -2.79
C2 ADP F . 32.10 0.94 -2.73
N3 ADP F . 31.21 0.62 -1.80
C4 ADP F . 30.74 1.51 -0.92
MG MG G . -1.87 21.34 -20.29
HG MMC H . 1.31 43.19 -29.34
C MMC H . 2.58 44.58 -27.40
PB ADP I . 0.64 21.78 -17.02
O1B ADP I . -0.23 22.15 -18.14
O2B ADP I . 0.63 20.17 -16.72
O3B ADP I . 2.04 22.20 -17.29
PA ADP I . -1.04 22.02 -14.70
O1A ADP I . -1.55 20.68 -15.02
O2A ADP I . -2.12 23.02 -14.74
O3A ADP I . 0.09 22.41 -15.73
O5' ADP I . -0.28 22.04 -13.30
C5' ADP I . 0.81 21.14 -13.05
C4' ADP I . 0.80 20.78 -11.57
O4' ADP I . -0.51 21.02 -11.02
C3' ADP I . 1.08 19.31 -11.33
O3' ADP I . 1.87 19.12 -10.16
C2' ADP I . -0.29 18.67 -11.17
O2' ADP I . -0.24 17.41 -10.48
C1' ADP I . -1.04 19.78 -10.48
N9 ADP I . -2.53 19.71 -10.72
C8 ADP I . -3.11 19.99 -11.90
N7 ADP I . -4.42 19.84 -11.77
C5 ADP I . -4.70 19.48 -10.54
C6 ADP I . -5.87 19.19 -9.83
N6 ADP I . -7.08 19.27 -10.44
N1 ADP I . -5.80 18.84 -8.52
C2 ADP I . -4.61 18.75 -7.89
N3 ADP I . -3.49 19.03 -8.56
C4 ADP I . -3.48 19.39 -9.86
MG MG J . -8.38 -52.55 16.72
HG MMC K . -30.48 -43.22 13.70
C MMC K . -32.71 -43.83 15.17
PB ADP L . -8.85 -56.22 14.69
O1B ADP L . -8.88 -54.78 15.09
O2B ADP L . -7.44 -56.96 15.05
O3B ADP L . -9.93 -56.99 15.36
PA ADP L . -8.02 -55.81 11.93
O1A ADP L . -6.70 -55.43 12.45
O2A ADP L . -8.63 -54.68 11.22
O3A ADP L . -8.93 -56.29 13.13
O5' ADP L . -7.96 -57.11 11.01
C5' ADP L . -7.38 -58.33 11.55
C4' ADP L . -6.96 -59.24 10.39
O4' ADP L . -6.53 -58.44 9.26
C3' ADP L . -5.75 -60.11 10.73
O3' ADP L . -5.78 -61.37 10.04
C2' ADP L . -4.59 -59.27 10.29
O2' ADP L . -3.35 -59.98 10.27
C1' ADP L . -5.16 -58.80 8.97
N9 ADP L . -4.40 -57.62 8.44
C8 ADP L . -4.48 -56.38 8.92
N7 ADP L . -3.68 -55.59 8.23
C5 ADP L . -3.09 -56.29 7.30
C6 ADP L . -2.16 -56.03 6.29
N6 ADP L . -1.70 -54.79 6.12
N1 ADP L . -1.74 -57.03 5.48
C2 ADP L . -2.21 -58.28 5.63
N3 ADP L . -3.09 -58.55 6.60
C4 ADP L . -3.55 -57.61 7.43
#